data_6ALU
#
_entry.id   6ALU
#
_entity_poly.entity_id   1
_entity_poly.type   'polydeoxyribonucleotide'
_entity_poly.pdbx_seq_one_letter_code
;(DCZ)(DG)(5CM)(8OG)(DA)(DA)(DT)(DT)(DC)(DG)(DC)(DG)
;
_entity_poly.pdbx_strand_id   A,B
#
loop_
_chem_comp.id
_chem_comp.type
_chem_comp.name
_chem_comp.formula
5CM DNA linking 5-METHYL-2'-DEOXY-CYTIDINE-5'-MONOPHOSPHATE 'C10 H16 N3 O7 P'
8OG DNA linking 8-OXO-2'-DEOXY-GUANOSINE-5'-MONOPHOSPHATE 'C10 H14 N5 O8 P'
DA DNA linking 2'-DEOXYADENOSINE-5'-MONOPHOSPHATE 'C10 H14 N5 O6 P'
DC DNA linking 2'-DEOXYCYTIDINE-5'-MONOPHOSPHATE 'C9 H14 N3 O7 P'
DCZ DNA OH 5 prime terminus 2'-DEOXYCYTIDINE 'C9 H13 N3 O4'
DG DNA linking 2'-DEOXYGUANOSINE-5'-MONOPHOSPHATE 'C10 H14 N5 O7 P'
DT DNA linking THYMIDINE-5'-MONOPHOSPHATE 'C10 H15 N2 O8 P'
#
# COMPACT_ATOMS: atom_id res chain seq x y z
N1 DCZ A 1 5.06 -9.98 14.25
C2 DCZ A 1 4.18 -10.86 13.63
N3 DCZ A 1 2.85 -10.77 13.81
C4 DCZ A 1 2.39 -9.77 14.56
C5 DCZ A 1 3.22 -8.81 15.18
C6 DCZ A 1 4.57 -8.94 15.00
O2 DCZ A 1 4.57 -11.77 12.88
N4 DCZ A 1 1.10 -9.75 14.74
C1' DCZ A 1 6.54 -10.15 14.04
C2' DCZ A 1 7.15 -9.05 13.18
C3' DCZ A 1 8.58 -8.86 13.75
C4' DCZ A 1 8.59 -9.83 14.94
O4' DCZ A 1 7.23 -10.08 15.27
O3' DCZ A 1 9.58 -9.22 12.80
C5' DCZ A 1 9.37 -9.29 16.16
O5' DCZ A 1 8.82 -8.09 16.70
H5 DCZ A 1 2.83 -8.00 15.78
H6 DCZ A 1 5.26 -8.24 15.46
HN41 DCZ A 1 0.54 -10.48 14.29
HN42 DCZ A 1 0.69 -9.03 15.30
H1' DCZ A 1 6.73 -11.12 13.58
H2'1 DCZ A 1 6.57 -8.12 13.26
H2'2 DCZ A 1 7.18 -9.36 12.14
H3' DCZ A 1 8.73 -7.83 14.10
H4' DCZ A 1 9.06 -10.76 14.62
H5'1 DCZ A 1 9.38 -10.06 16.93
H5'2 DCZ A 1 10.40 -9.11 15.86
HO5' DCZ A 1 7.89 -8.26 16.97
N1 5CM A 3 2.24 -8.40 5.90
C2 5CM A 3 0.98 -8.53 6.49
N3 5CM A 3 0.67 -7.85 7.62
C4 5CM A 3 1.58 -7.05 8.14
C5 5CM A 3 2.89 -6.82 7.55
C5A 5CM A 3 3.91 -5.85 8.13
C6 5CM A 3 3.18 -7.53 6.43
O2 5CM A 3 0.10 -9.24 6.02
N4 5CM A 3 1.21 -6.47 9.25
C1' 5CM A 3 2.58 -9.26 4.73
C2' 5CM A 3 3.15 -8.55 3.50
C3' 5CM A 3 3.92 -9.66 2.80
C4' 5CM A 3 4.30 -10.59 3.97
O4' 5CM A 3 3.58 -10.19 5.12
O3' 5CM A 3 3.14 -10.37 1.85
C5' 5CM A 3 5.80 -10.63 4.27
O5' 5CM A 3 6.34 -9.34 4.56
P 5CM A 3 7.90 -9.15 4.92
OP1 5CM A 3 8.71 -9.86 3.89
OP2 5CM A 3 8.17 -7.72 5.16
H5A1 5CM A 3 4.83 -5.85 7.56
H5A2 5CM A 3 4.12 -6.12 9.16
H5A3 5CM A 3 3.49 -4.84 8.12
H6 5CM A 3 4.14 -7.42 5.96
HN41 5CM A 3 0.26 -6.65 9.58
HN42 5CM A 3 1.83 -5.83 9.71
H1' 5CM A 3 1.70 -9.82 4.41
H2' 5CM A 3 3.87 -7.76 3.79
H2'' 5CM A 3 2.33 -8.16 2.88
H3' 5CM A 3 4.82 -9.26 2.33
H4' 5CM A 3 3.99 -11.61 3.70
H5' 5CM A 3 5.98 -11.28 5.12
H5'' 5CM A 3 6.32 -11.05 3.40
P 8OG A 4 2.81 -9.81 0.37
OP1 8OG A 4 2.40 -10.96 -0.47
OP2 8OG A 4 3.96 -8.97 -0.07
O5' 8OG A 4 1.54 -8.85 0.60
C5' 8OG A 4 0.25 -9.38 0.87
C4' 8OG A 4 -0.74 -8.31 1.36
O4' 8OG A 4 -0.44 -7.91 2.70
C3' 8OG A 4 -0.75 -7.02 0.49
O3' 8OG A 4 -2.07 -6.61 0.16
C2' 8OG A 4 -0.15 -5.99 1.44
C1' 8OG A 4 -0.67 -6.52 2.77
N9 8OG A 4 -0.12 -5.90 4.00
C8 8OG A 4 1.11 -5.34 4.27
N7 8OG A 4 1.22 -4.77 5.43
C5 8OG A 4 -0.05 -4.92 5.99
C6 8OG A 4 -0.60 -4.45 7.23
O6 8OG A 4 -0.03 -3.82 8.12
N1 8OG A 4 -1.92 -4.77 7.39
C2 8OG A 4 -2.65 -5.47 6.48
N2 8OG A 4 -3.91 -5.67 6.74
N3 8OG A 4 -2.19 -5.93 5.33
C4 8OG A 4 -0.87 -5.62 5.13
O8 8OG A 4 2.08 -5.34 3.52
H5' 8OG A 4 0.33 -10.15 1.65
H5'' 8OG A 4 -0.15 -9.85 -0.03
H4' 8OG A 4 -1.74 -8.74 1.35
H3' 8OG A 4 -0.14 -7.13 -0.40
H2' 8OG A 4 0.94 -6.05 1.39
H2'' 8OG A 4 -0.52 -4.98 1.22
H1' 8OG A 4 -1.76 -6.36 2.78
H7 8OG A 4 2.03 -4.29 5.78
H1 8OG A 4 -2.38 -4.43 8.22
H21 8OG A 4 -4.35 -5.20 7.53
H22 8OG A 4 -4.47 -6.15 6.05
N1 DCZ B 1 -7.87 12.26 -10.50
C2 DCZ B 1 -6.60 12.86 -10.37
N3 DCZ B 1 -6.28 13.59 -9.28
C4 DCZ B 1 -7.18 13.70 -8.32
C5 DCZ B 1 -8.46 13.08 -8.36
C6 DCZ B 1 -8.77 12.37 -9.47
O2 DCZ B 1 -5.73 12.75 -11.24
N4 DCZ B 1 -6.85 14.45 -7.30
C1' DCZ B 1 -8.21 11.54 -11.76
C2' DCZ B 1 -8.52 10.06 -11.53
C3' DCZ B 1 -9.53 9.73 -12.64
C4' DCZ B 1 -10.21 11.10 -12.88
O4' DCZ B 1 -9.38 12.11 -12.33
O3' DCZ B 1 -8.88 9.31 -13.84
C5' DCZ B 1 -11.62 11.17 -12.28
O5' DCZ B 1 -11.68 10.83 -10.89
H5 DCZ B 1 -9.18 13.19 -7.56
H6 DCZ B 1 -9.74 11.90 -9.58
HN41 DCZ B 1 -5.92 14.88 -7.31
HN42 DCZ B 1 -7.48 14.57 -6.54
H1' DCZ B 1 -7.40 11.61 -12.48
H2'1 DCZ B 1 -8.98 9.89 -10.55
H2'2 DCZ B 1 -7.62 9.45 -11.63
H3' DCZ B 1 -10.26 8.99 -12.32
H4' DCZ B 1 -10.29 11.26 -13.96
H5'1 DCZ B 1 -12.01 12.18 -12.43
H5'2 DCZ B 1 -12.26 10.48 -12.83
HO5' DCZ B 1 -12.61 10.90 -10.57
N1 5CM B 3 -1.42 7.65 -7.03
C2 5CM B 3 -1.28 8.71 -6.12
N3 5CM B 3 -2.35 9.18 -5.44
C4 5CM B 3 -3.52 8.60 -5.63
C5 5CM B 3 -3.72 7.46 -6.50
C5A 5CM B 3 -5.07 6.77 -6.68
C6 5CM B 3 -2.63 7.02 -7.19
O2 5CM B 3 -0.20 9.25 -5.90
N4 5CM B 3 -4.50 9.15 -4.96
C1' 5CM B 3 -0.23 7.24 -7.84
C2' 5CM B 3 0.12 5.75 -7.81
C3' 5CM B 3 0.88 5.57 -9.12
C4' 5CM B 3 0.28 6.68 -10.01
O4' 5CM B 3 -0.49 7.55 -9.20
O3' 5CM B 3 2.28 5.78 -9.00
C5' 5CM B 3 -0.56 6.15 -11.17
O5' 5CM B 3 -1.66 5.35 -10.74
P 5CM B 3 -2.71 4.74 -11.81
OP1 5CM B 3 -1.94 4.01 -12.85
OP2 5CM B 3 -3.77 4.03 -11.07
H5A1 5CM B 3 -5.82 7.50 -7.00
H5A2 5CM B 3 -5.39 6.36 -5.72
H5A3 5CM B 3 -5.01 5.97 -7.41
H6 5CM B 3 -2.73 6.20 -7.88
HN41 5CM B 3 -4.28 9.93 -4.34
HN42 5CM B 3 -5.43 8.79 -5.04
H1' 5CM B 3 0.66 7.79 -7.52
H2' 5CM B 3 -0.78 5.13 -7.85
H2'' 5CM B 3 0.74 5.53 -6.94
H3' 5CM B 3 0.66 4.60 -9.56
H4' 5CM B 3 1.12 7.25 -10.44
H5' 5CM B 3 -0.94 7.01 -11.74
H5'' 5CM B 3 0.08 5.56 -11.83
P 8OG B 4 3.27 4.64 -8.40
OP1 8OG B 4 4.66 4.98 -8.83
OP2 8OG B 4 2.73 3.30 -8.73
O5' 8OG B 4 3.17 4.84 -6.80
C5' 8OG B 4 3.76 5.96 -6.16
C4' 8OG B 4 3.28 6.12 -4.70
O4' 8OG B 4 1.94 6.60 -4.68
C3' 8OG B 4 3.33 4.82 -3.88
O3' 8OG B 4 3.92 5.01 -2.60
C2' 8OG B 4 1.86 4.50 -3.69
C1' 8OG B 4 1.30 5.92 -3.62
N9 8OG B 4 -0.18 6.05 -3.64
C8 8OG B 4 -1.16 5.29 -4.24
N7 8OG B 4 -2.38 5.65 -3.96
C5 8OG B 4 -2.22 6.70 -3.06
C6 8OG B 4 -3.19 7.48 -2.36
O6 8OG B 4 -4.42 7.40 -2.38
N1 8OG B 4 -2.62 8.42 -1.53
C2 8OG B 4 -1.28 8.62 -1.41
N2 8OG B 4 -0.87 9.51 -0.55
N3 8OG B 4 -0.35 7.92 -2.07
C4 8OG B 4 -0.89 6.97 -2.88
O8 8OG B 4 -0.98 4.34 -4.99
H5' 8OG B 4 3.51 6.87 -6.71
H5'' 8OG B 4 4.85 5.85 -6.16
H4' 8OG B 4 3.93 6.86 -4.22
H3' 8OG B 4 3.83 4.01 -4.43
H2' 8OG B 4 1.49 3.98 -4.57
H2'' 8OG B 4 1.67 3.94 -2.76
H1' 8OG B 4 1.64 6.35 -2.67
H7 8OG B 4 -3.22 5.19 -4.29
H1 8OG B 4 -3.24 8.97 -0.96
H21 8OG B 4 -1.53 9.95 0.08
H22 8OG B 4 0.12 9.63 -0.43
N1 DCZ A 1 5.36 -10.11 13.87
C2 DCZ A 1 4.45 -10.98 13.25
N3 DCZ A 1 3.12 -10.86 13.48
C4 DCZ A 1 2.71 -9.88 14.26
C5 DCZ A 1 3.58 -8.95 14.88
C6 DCZ A 1 4.90 -9.09 14.66
O2 DCZ A 1 4.81 -11.87 12.49
N4 DCZ A 1 1.42 -9.85 14.49
C1' DCZ A 1 6.83 -10.30 13.64
C2' DCZ A 1 7.50 -9.12 12.94
C3' DCZ A 1 8.93 -9.14 13.49
C4' DCZ A 1 8.74 -9.80 14.87
O4' DCZ A 1 7.48 -10.46 14.90
O3' DCZ A 1 9.80 -9.93 12.69
C5' DCZ A 1 8.85 -8.80 16.04
O5' DCZ A 1 7.96 -7.68 15.93
H5 DCZ A 1 3.21 -8.16 15.52
H6 DCZ A 1 5.62 -8.41 15.13
HN41 DCZ A 1 0.84 -10.54 14.04
HN42 DCZ A 1 1.04 -9.13 15.07
H1' DCZ A 1 7.01 -11.21 13.06
H2'1 DCZ A 1 7.00 -8.19 13.19
H2'2 DCZ A 1 7.50 -9.27 11.86
H3' DCZ A 1 9.32 -8.13 13.60
H4' DCZ A 1 9.53 -10.55 15.00
H5'1 DCZ A 1 8.66 -9.33 16.98
H5'2 DCZ A 1 9.88 -8.42 16.07
HO5' DCZ A 1 8.09 -7.09 16.69
N1 5CM A 3 2.25 -8.36 5.91
C2 5CM A 3 0.98 -8.47 6.50
N3 5CM A 3 0.67 -7.77 7.61
C4 5CM A 3 1.58 -6.97 8.14
C5 5CM A 3 2.90 -6.78 7.56
C5A 5CM A 3 3.93 -5.82 8.15
C6 5CM A 3 3.19 -7.50 6.45
O2 5CM A 3 0.09 -9.17 6.03
N4 5CM A 3 1.20 -6.39 9.24
C1' 5CM A 3 2.58 -9.24 4.75
C2' 5CM A 3 3.14 -8.51 3.53
C3' 5CM A 3 3.92 -9.63 2.83
C4' 5CM A 3 4.31 -10.54 3.99
O4' 5CM A 3 3.57 -10.16 5.15
O3' 5CM A 3 3.15 -10.36 1.88
C5' 5CM A 3 5.82 -10.55 4.31
O5' 5CM A 3 6.32 -9.25 4.63
P 5CM A 3 7.87 -9.04 5.02
OP1 5CM A 3 8.70 -9.66 3.96
OP2 5CM A 3 8.09 -7.62 5.35
H5A1 5CM A 3 4.86 -5.85 7.58
H5A2 5CM A 3 3.53 -4.81 8.12
H5A3 5CM A 3 4.13 -6.08 9.19
H6 5CM A 3 4.16 -7.42 5.98
HN41 5CM A 3 0.26 -6.55 9.56
HN42 5CM A 3 1.83 -5.76 9.71
H1' 5CM A 3 1.70 -9.79 4.43
H2' 5CM A 3 3.86 -7.72 3.81
H2'' 5CM A 3 2.33 -8.13 2.91
H3' 5CM A 3 4.82 -9.22 2.35
H4' 5CM A 3 4.03 -11.57 3.73
H5' 5CM A 3 5.99 -11.23 5.14
H5'' 5CM A 3 6.34 -10.94 3.43
P 8OG A 4 2.82 -9.80 0.39
OP1 8OG A 4 2.40 -10.96 -0.43
OP2 8OG A 4 3.95 -8.97 -0.07
O5' 8OG A 4 1.54 -8.85 0.61
C5' 8OG A 4 0.25 -9.38 0.90
C4' 8OG A 4 -0.73 -8.29 1.38
O4' 8OG A 4 -0.43 -7.89 2.72
C3' 8OG A 4 -0.74 -7.03 0.51
O3' 8OG A 4 -2.06 -6.62 0.17
C2' 8OG A 4 -0.14 -5.98 1.44
C1' 8OG A 4 -0.67 -6.50 2.78
N9 8OG A 4 -0.11 -5.86 4.00
C8 8OG A 4 1.12 -5.31 4.28
N7 8OG A 4 1.22 -4.73 5.43
C5 8OG A 4 -0.05 -4.87 5.99
C6 8OG A 4 -0.60 -4.39 7.22
O6 8OG A 4 -0.04 -3.75 8.11
N1 8OG A 4 -1.92 -4.72 7.38
C2 8OG A 4 -2.65 -5.42 6.48
N2 8OG A 4 -3.91 -5.61 6.73
N3 8OG A 4 -2.18 -5.89 5.33
C4 8OG A 4 -0.87 -5.57 5.12
O8 8OG A 4 2.10 -5.32 3.52
H5' 8OG A 4 0.34 -10.13 1.69
H5'' 8OG A 4 -0.15 -9.84 0.01
H4' 8OG A 4 -1.74 -8.73 1.38
H3' 8OG A 4 -0.13 -7.14 -0.39
H2' 8OG A 4 0.95 -6.04 1.39
H2'' 8OG A 4 -0.51 -4.97 1.22
H1' 8OG A 4 -1.75 -6.33 2.79
H7 8OG A 4 2.04 -4.24 5.78
H1 8OG A 4 -2.38 -4.36 8.21
H21 8OG A 4 -4.35 -5.14 7.52
H22 8OG A 4 -4.46 -6.10 6.05
N1 DCZ B 1 -7.82 12.32 -10.64
C2 DCZ B 1 -6.55 12.88 -10.48
N3 DCZ B 1 -6.24 13.61 -9.37
C4 DCZ B 1 -7.15 13.75 -8.44
C5 DCZ B 1 -8.45 13.15 -8.51
C6 DCZ B 1 -8.74 12.44 -9.63
O2 DCZ B 1 -5.65 12.76 -11.32
N4 DCZ B 1 -6.83 14.50 -7.43
C1' DCZ B 1 -8.14 11.59 -11.89
C2' DCZ B 1 -8.46 10.11 -11.67
C3' DCZ B 1 -9.45 9.79 -12.80
C4' DCZ B 1 -10.11 11.16 -13.06
O4' DCZ B 1 -9.30 12.17 -12.49
O3' DCZ B 1 -8.78 9.33 -13.97
C5' DCZ B 1 -11.54 11.24 -12.50
O5' DCZ B 1 -11.64 10.93 -11.11
H5 DCZ B 1 -9.18 13.27 -7.73
H6 DCZ B 1 -9.73 11.99 -9.76
HN41 DCZ B 1 -5.91 14.90 -7.42
HN42 DCZ B 1 -7.48 14.63 -6.68
H1' DCZ B 1 -7.31 11.66 -12.61
H2'1 DCZ B 1 -8.93 9.96 -10.70
H2'2 DCZ B 1 -7.56 9.50 -11.75
H3' DCZ B 1 -10.20 9.06 -12.47
H4' DCZ B 1 -10.17 11.31 -14.14
H5'1 DCZ B 1 -11.92 12.25 -12.68
H5'2 DCZ B 1 -12.17 10.55 -13.06
HO5' DCZ B 1 -12.57 11.00 -10.83
N1 5CM B 3 -1.40 7.69 -7.08
C2 5CM B 3 -1.28 8.74 -6.16
N3 5CM B 3 -2.36 9.20 -5.49
C4 5CM B 3 -3.52 8.61 -5.70
C5 5CM B 3 -3.71 7.48 -6.58
C5A 5CM B 3 -5.05 6.79 -6.78
C6 5CM B 3 -2.61 7.06 -7.26
O2 5CM B 3 -0.21 9.29 -5.93
N4 5CM B 3 -4.52 9.15 -5.04
C1' 5CM B 3 -0.20 7.30 -7.88
C2' 5CM B 3 0.16 5.81 -7.85
C3' 5CM B 3 0.93 5.65 -9.16
C4' 5CM B 3 0.34 6.74 -10.06
O4' 5CM B 3 -0.45 7.62 -9.24
O3' 5CM B 3 2.34 5.87 -9.02
C5' 5CM B 3 -0.50 6.19 -11.21
O5' 5CM B 3 -1.60 5.39 -10.79
P 5CM B 3 -2.62 4.75 -11.84
OP1 5CM B 3 -1.84 4.01 -12.86
OP2 5CM B 3 -3.69 4.04 -11.11
H5A1 5CM B 3 -4.98 5.99 -7.52
H5A2 5CM B 3 -5.80 7.50 -7.11
H5A3 5CM B 3 -5.38 6.36 -5.84
H6 5CM B 3 -2.69 6.24 -7.97
HN41 5CM B 3 -4.31 9.92 -4.41
HN42 5CM B 3 -5.45 8.78 -5.13
H1' 5CM B 3 0.68 7.86 -7.55
H2' 5CM B 3 -0.74 5.18 -7.90
H2'' 5CM B 3 0.78 5.59 -6.97
H3' 5CM B 3 0.75 4.67 -9.59
H4' 5CM B 3 1.16 7.32 -10.48
H5' 5CM B 3 -0.88 7.04 -11.79
H5'' 5CM B 3 0.15 5.61 -11.86
P 8OG B 4 3.34 4.76 -8.41
OP1 8OG B 4 4.72 5.14 -8.80
OP2 8OG B 4 2.84 3.41 -8.77
O5' 8OG B 4 3.21 4.95 -6.81
C5' 8OG B 4 3.76 6.07 -6.14
C4' 8OG B 4 3.25 6.21 -4.70
O4' 8OG B 4 1.90 6.67 -4.68
C3' 8OG B 4 3.30 4.89 -3.90
O3' 8OG B 4 3.88 5.06 -2.61
C2' 8OG B 4 1.81 4.57 -3.71
C1' 8OG B 4 1.25 5.99 -3.63
N9 8OG B 4 -0.23 6.13 -3.66
C8 8OG B 4 -1.21 5.37 -4.27
N7 8OG B 4 -2.42 5.72 -3.99
C5 8OG B 4 -2.27 6.76 -3.09
C6 8OG B 4 -3.25 7.53 -2.38
O6 8OG B 4 -4.47 7.45 -2.41
N1 8OG B 4 -2.68 8.48 -1.55
C2 8OG B 4 -1.34 8.67 -1.43
N2 8OG B 4 -0.94 9.57 -0.57
N3 8OG B 4 -0.40 7.99 -2.07
C4 8OG B 4 -0.93 7.03 -2.91
O8 8OG B 4 -1.01 4.42 -5.03
H5' 8OG B 4 3.50 6.98 -6.69
H5'' 8OG B 4 4.85 5.98 -6.13
H4' 8OG B 4 3.87 6.94 -4.19
H3' 8OG B 4 3.79 4.09 -4.44
H2' 8OG B 4 1.44 4.05 -4.60
H2'' 8OG B 4 1.63 4.01 -2.79
H1' 8OG B 4 1.60 6.42 -2.68
H7 8OG B 4 -3.25 5.26 -4.33
H1 8OG B 4 -3.31 9.02 -0.98
H21 8OG B 4 -1.60 10.00 0.07
H22 8OG B 4 0.05 9.69 -0.44
N1 DCZ A 1 5.22 -9.98 14.17
C2 DCZ A 1 4.32 -10.86 13.54
N3 DCZ A 1 2.98 -10.76 13.74
C4 DCZ A 1 2.54 -9.80 14.52
C5 DCZ A 1 3.39 -8.84 15.15
C6 DCZ A 1 4.73 -8.96 14.95
O2 DCZ A 1 4.70 -11.74 12.76
N4 DCZ A 1 1.25 -9.79 14.73
C1' DCZ A 1 6.68 -10.16 13.95
C2' DCZ A 1 7.30 -9.03 13.12
C3' DCZ A 1 8.72 -8.88 13.67
C4' DCZ A 1 8.74 -9.86 14.86
O4' DCZ A 1 7.38 -10.14 15.18
O3' DCZ A 1 9.72 -9.24 12.73
C5' DCZ A 1 9.50 -9.34 16.09
O5' DCZ A 1 8.94 -8.14 16.62
H5 DCZ A 1 3.00 -8.06 15.79
H6 DCZ A 1 5.42 -8.28 15.42
HN41 DCZ A 1 0.70 -10.50 14.27
HN42 DCZ A 1 0.85 -9.08 15.32
H1' DCZ A 1 6.87 -11.12 13.46
H2'1 DCZ A 1 6.72 -8.10 13.24
H2'2 DCZ A 1 7.31 -9.31 12.07
H3' DCZ A 1 8.90 -7.86 14.04
H4' DCZ A 1 9.21 -10.79 14.52
H5'1 DCZ A 1 9.50 -10.12 16.85
H5'2 DCZ A 1 10.54 -9.14 15.81
HO5' DCZ A 1 8.01 -8.32 16.91
N1 5CM A 3 2.25 -8.39 5.92
C2 5CM A 3 0.99 -8.52 6.53
N3 5CM A 3 0.69 -7.83 7.66
C4 5CM A 3 1.59 -7.02 8.15
C5 5CM A 3 2.89 -6.79 7.55
C5A 5CM A 3 3.90 -5.81 8.12
C6 5CM A 3 3.17 -7.50 6.43
O2 5CM A 3 0.11 -9.25 6.08
N4 5CM A 3 1.23 -6.44 9.27
C1' 5CM A 3 2.58 -9.27 4.77
C2' 5CM A 3 3.11 -8.55 3.53
C3' 5CM A 3 3.88 -9.68 2.83
C4' 5CM A 3 4.31 -10.59 4.00
O4' 5CM A 3 3.59 -10.17 5.16
O3' 5CM A 3 3.10 -10.44 1.91
C5' 5CM A 3 5.82 -10.57 4.28
O5' 5CM A 3 6.32 -9.26 4.55
P 5CM A 3 7.88 -9.03 4.90
OP1 5CM A 3 8.69 -9.70 3.85
OP2 5CM A 3 8.10 -7.58 5.15
H5A1 5CM A 3 4.14 -6.06 9.15
H5A2 5CM A 3 4.83 -5.81 7.53
H5A3 5CM A 3 3.48 -4.80 8.11
H6 5CM A 3 4.13 -7.40 5.95
HN41 5CM A 3 0.29 -6.62 9.61
HN42 5CM A 3 1.85 -5.79 9.72
H1' 5CM A 3 1.70 -9.84 4.46
H2' 5CM A 3 3.82 -7.76 3.78
H2'' 5CM A 3 2.28 -8.19 2.91
H3' 5CM A 3 4.77 -9.27 2.33
H4' 5CM A 3 4.02 -11.61 3.76
H5' 5CM A 3 6.01 -11.21 5.13
H5'' 5CM A 3 6.33 -10.98 3.42
P 8OG A 4 2.74 -9.91 0.42
OP1 8OG A 4 2.30 -11.08 -0.38
OP2 8OG A 4 3.88 -9.10 -0.08
O5' 8OG A 4 1.48 -8.94 0.64
C5' 8OG A 4 0.20 -9.46 0.94
C4' 8OG A 4 -0.79 -8.36 1.41
O4' 8OG A 4 -0.47 -7.95 2.75
C3' 8OG A 4 -0.78 -7.09 0.53
O3' 8OG A 4 -2.09 -6.67 0.19
C2' 8OG A 4 -0.17 -6.05 1.46
C1' 8OG A 4 -0.70 -6.56 2.81
N9 8OG A 4 -0.14 -5.92 4.02
C8 8OG A 4 1.10 -5.37 4.29
N7 8OG A 4 1.20 -4.78 5.44
C5 8OG A 4 -0.08 -4.92 6.00
C6 8OG A 4 -0.61 -4.46 7.25
O6 8OG A 4 -0.05 -3.81 8.13
N1 8OG A 4 -1.93 -4.78 7.42
C2 8OG A 4 -2.66 -5.48 6.51
N2 8OG A 4 -3.93 -5.67 6.77
N3 8OG A 4 -2.20 -5.95 5.35
C4 8OG A 4 -0.88 -5.63 5.15
O8 8OG A 4 2.06 -5.37 3.53
H5' 8OG A 4 0.28 -10.20 1.72
H5'' 8OG A 4 -0.23 -9.93 0.06
H4' 8OG A 4 -1.79 -8.78 1.40
H3' 8OG A 4 -0.16 -7.21 -0.36
H2' 8OG A 4 0.92 -6.12 1.41
H2'' 8OG A 4 -0.54 -5.04 1.24
H1' 8OG A 4 -1.78 -6.39 2.81
H7 8OG A 4 2.02 -4.31 5.79
H1 8OG A 4 -2.39 -4.42 8.24
H21 8OG A 4 -4.37 -5.20 7.56
H22 8OG A 4 -4.49 -6.16 6.09
N1 DCZ B 1 -7.80 12.47 -10.58
C2 DCZ B 1 -6.52 13.02 -10.43
N3 DCZ B 1 -6.19 13.72 -9.32
C4 DCZ B 1 -7.09 13.85 -8.37
C5 DCZ B 1 -8.39 13.28 -8.44
C6 DCZ B 1 -8.71 12.59 -9.56
O2 DCZ B 1 -5.64 12.89 -11.29
N4 DCZ B 1 -6.74 14.58 -7.35
C1' DCZ B 1 -8.14 11.76 -11.85
C2' DCZ B 1 -8.47 10.28 -11.64
C3' DCZ B 1 -9.47 9.98 -12.75
C4' DCZ B 1 -10.13 11.34 -12.99
O4' DCZ B 1 -9.31 12.35 -12.42
O3' DCZ B 1 -8.83 9.53 -13.94
C5' DCZ B 1 -11.56 11.43 -12.41
O5' DCZ B 1 -11.64 11.11 -11.02
H5 DCZ B 1 -9.12 13.40 -7.65
H6 DCZ B 1 -9.70 12.15 -9.69
HN41 DCZ B 1 -5.81 14.98 -7.35
HN42 DCZ B 1 -7.38 14.71 -6.59
H1' DCZ B 1 -7.32 11.84 -12.57
H2'1 DCZ B 1 -8.92 10.11 -10.65
H2'2 DCZ B 1 -7.56 9.67 -11.73
H3' DCZ B 1 -10.21 9.24 -12.43
H4' DCZ B 1 -10.20 11.51 -14.07
H5'1 DCZ B 1 -11.93 12.43 -12.57
H5'2 DCZ B 1 -12.20 10.74 -12.98
HO5' DCZ B 1 -12.57 11.17 -10.72
N1 5CM B 3 -1.40 7.71 -7.12
C2 5CM B 3 -1.27 8.74 -6.18
N3 5CM B 3 -2.34 9.21 -5.49
C4 5CM B 3 -3.52 8.64 -5.71
C5 5CM B 3 -3.72 7.53 -6.62
C5A 5CM B 3 -5.08 6.86 -6.81
C6 5CM B 3 -2.63 7.10 -7.30
O2 5CM B 3 -0.19 9.27 -5.94
N4 5CM B 3 -4.49 9.19 -5.03
C1' 5CM B 3 -0.22 7.31 -7.93
C2' 5CM B 3 0.11 5.82 -7.93
C3' 5CM B 3 0.90 5.67 -9.23
C4' 5CM B 3 0.33 6.81 -10.10
O4' 5CM B 3 -0.45 7.66 -9.28
O3' 5CM B 3 2.31 5.87 -9.07
C5' 5CM B 3 -0.50 6.31 -11.29
O5' 5CM B 3 -1.61 5.49 -10.90
P 5CM B 3 -2.64 4.91 -11.99
OP1 5CM B 3 -1.86 4.21 -13.04
OP2 5CM B 3 -3.71 4.16 -11.29
H5A1 5CM B 3 -5.41 6.42 -5.87
H5A2 5CM B 3 -5.02 6.08 -7.57
H5A3 5CM B 3 -5.81 7.60 -7.12
H6 5CM B 3 -2.73 6.30 -8.02
HN41 5CM B 3 -4.26 9.94 -4.39
HN42 5CM B 3 -5.43 8.82 -5.12
H1' 5CM B 3 0.67 7.85 -7.58
H2' 5CM B 3 -0.79 5.21 -8.01
H2'' 5CM B 3 0.72 5.57 -7.05
H3' 5CM B 3 0.70 4.70 -9.69
H4' 5CM B 3 1.16 7.38 -10.50
H5' 5CM B 3 -0.87 7.17 -11.84
H5'' 5CM B 3 0.15 5.73 -11.95
P 8OG B 4 3.28 4.73 -8.47
OP1 8OG B 4 4.67 5.07 -8.86
OP2 8OG B 4 2.76 3.39 -8.85
O5' 8OG B 4 3.15 4.89 -6.87
C5' 8OG B 4 3.71 6.01 -6.20
C4' 8OG B 4 3.20 6.14 -4.75
O4' 8OG B 4 1.85 6.62 -4.74
C3' 8OG B 4 3.22 4.81 -3.95
O3' 8OG B 4 3.81 4.97 -2.67
C2' 8OG B 4 1.74 4.52 -3.77
C1' 8OG B 4 1.20 5.95 -3.68
N9 8OG B 4 -0.27 6.10 -3.71
C8 8OG B 4 -1.26 5.36 -4.32
N7 8OG B 4 -2.48 5.72 -4.04
C5 8OG B 4 -2.31 6.75 -3.12
C6 8OG B 4 -3.27 7.52 -2.39
O6 8OG B 4 -4.50 7.44 -2.41
N1 8OG B 4 -2.69 8.45 -1.54
C2 8OG B 4 -1.35 8.62 -1.43
N2 8OG B 4 -0.93 9.50 -0.56
N3 8OG B 4 -0.42 7.93 -2.09
C4 8OG B 4 -0.97 7.00 -2.93
O8 8OG B 4 -1.08 4.43 -5.10
H5' 8OG B 4 3.46 6.93 -6.73
H5'' 8OG B 4 4.80 5.90 -6.18
H4' 8OG B 4 3.83 6.86 -4.24
H3' 8OG B 4 3.72 4.01 -4.51
H2' 8OG B 4 1.36 4.01 -4.66
H2'' 8OG B 4 1.55 3.95 -2.85
H1' 8OG B 4 1.56 6.36 -2.73
H7 8OG B 4 -3.32 5.26 -4.37
H1 8OG B 4 -3.31 8.99 -0.96
H21 8OG B 4 -1.59 9.93 0.09
H22 8OG B 4 0.06 9.61 -0.43
N1 DCZ A 1 5.26 -9.89 14.03
C2 DCZ A 1 4.35 -10.79 13.45
N3 DCZ A 1 3.02 -10.68 13.68
C4 DCZ A 1 2.60 -9.66 14.40
C5 DCZ A 1 3.46 -8.69 14.98
C6 DCZ A 1 4.79 -8.83 14.76
O2 DCZ A 1 4.71 -11.73 12.75
N4 DCZ A 1 1.31 -9.63 14.63
C1' DCZ A 1 6.73 -10.10 13.83
C2' DCZ A 1 7.39 -8.96 13.06
C3' DCZ A 1 8.81 -8.95 13.62
C4' DCZ A 1 8.63 -9.52 15.03
O4' DCZ A 1 7.36 -10.17 15.10
O3' DCZ A 1 9.69 -9.77 12.87
C5' DCZ A 1 8.73 -8.45 16.15
O5' DCZ A 1 7.83 -7.36 15.96
H5 DCZ A 1 3.09 -7.86 15.58
H6 DCZ A 1 5.49 -8.13 15.19
HN41 DCZ A 1 0.73 -10.35 14.21
HN42 DCZ A 1 0.93 -8.88 15.18
H1' DCZ A 1 6.91 -11.04 13.29
H2'1 DCZ A 1 6.89 -8.01 13.26
H2'2 DCZ A 1 7.39 -9.16 11.99
H3' DCZ A 1 9.21 -7.92 13.68
H4' DCZ A 1 9.41 -10.26 15.22
H5'1 DCZ A 1 8.52 -8.94 17.10
H5'2 DCZ A 1 9.75 -8.08 16.16
HO5' DCZ A 1 7.94 -6.71 16.70
N1 5CM A 3 2.23 -8.42 6.01
C2 5CM A 3 0.96 -8.53 6.58
N3 5CM A 3 0.63 -7.82 7.68
C4 5CM A 3 1.54 -7.01 8.20
C5 5CM A 3 2.85 -6.80 7.62
C5A 5CM A 3 3.85 -5.81 8.20
C6 5CM A 3 3.15 -7.53 6.53
O2 5CM A 3 0.09 -9.26 6.11
N4 5CM A 3 1.13 -6.41 9.30
C1' 5CM A 3 2.58 -9.31 4.86
C2' 5CM A 3 3.14 -8.60 3.62
C3' 5CM A 3 3.93 -9.72 2.94
C4' 5CM A 3 4.31 -10.63 4.12
O4' 5CM A 3 3.58 -10.21 5.28
O3' 5CM A 3 3.15 -10.47 2.01
C5' 5CM A 3 5.82 -10.64 4.44
O5' 5CM A 3 6.33 -9.35 4.73
P 5CM A 3 7.87 -9.15 5.14
OP1 5CM A 3 8.73 -9.79 4.11
OP2 5CM A 3 8.11 -7.72 5.45
H5A1 5CM A 3 4.79 -5.82 7.64
H5A2 5CM A 3 3.44 -4.79 8.16
H5A3 5CM A 3 4.06 -6.04 9.24
H6 5CM A 3 4.12 -7.43 6.07
HN41 5CM A 3 0.20 -6.57 9.61
HN42 5CM A 3 1.75 -5.75 9.75
H1' 5CM A 3 1.70 -9.87 4.53
H2' 5CM A 3 3.86 -7.81 3.90
H2'' 5CM A 3 2.33 -8.23 2.99
H3' 5CM A 3 4.82 -9.32 2.47
H4' 5CM A 3 4.02 -11.65 3.88
H5' 5CM A 3 5.99 -11.31 5.28
H5'' 5CM A 3 6.34 -11.05 3.57
P 8OG A 4 2.86 -9.94 0.51
OP1 8OG A 4 2.43 -11.11 -0.31
OP2 8OG A 4 4.01 -9.13 0.04
O5' 8OG A 4 1.59 -8.96 0.68
C5' 8OG A 4 0.28 -9.46 0.94
C4' 8OG A 4 -0.69 -8.35 1.38
O4' 8OG A 4 -0.42 -7.95 2.73
C3' 8OG A 4 -0.65 -7.10 0.50
O3' 8OG A 4 -1.95 -6.66 0.12
C2' 8OG A 4 -0.06 -6.06 1.44
C1' 8OG A 4 -0.63 -6.55 2.77
N9 8OG A 4 -0.09 -5.92 4.00
C8 8OG A 4 1.14 -5.37 4.30
N7 8OG A 4 1.22 -4.79 5.44
C5 8OG A 4 -0.06 -4.92 5.98
C6 8OG A 4 -0.62 -4.45 7.22
O6 8OG A 4 -0.07 -3.80 8.11
N1 8OG A 4 -1.95 -4.76 7.36
C2 8OG A 4 -2.66 -5.48 6.45
N2 8OG A 4 -3.92 -5.67 6.69
N3 8OG A 4 -2.17 -5.94 5.29
C4 8OG A 4 -0.86 -5.63 5.11
O8 8OG A 4 2.12 -5.39 3.56
H5' 8OG A 4 0.34 -10.21 1.73
H5'' 8OG A 4 -0.10 -9.93 0.05
H4' 8OG A 4 -1.70 -8.77 1.35
H3' 8OG A 4 -0.01 -7.23 -0.38
H2' 8OG A 4 1.04 -6.13 1.42
H2'' 8OG A 4 -0.40 -5.04 1.21
H1' 8OG A 4 -1.70 -6.37 2.75
H7 8OG A 4 2.03 -4.30 5.81
H1 8OG A 4 -2.42 -4.41 8.18
H21 8OG A 4 -4.38 -5.20 7.47
H22 8OG A 4 -4.47 -6.15 6.00
N1 DCZ B 1 -8.07 12.72 -10.16
C2 DCZ B 1 -6.78 13.29 -10.04
N3 DCZ B 1 -6.45 14.00 -8.93
C4 DCZ B 1 -7.32 14.10 -7.96
C5 DCZ B 1 -8.62 13.50 -8.00
C6 DCZ B 1 -8.95 12.81 -9.11
O2 DCZ B 1 -5.94 13.18 -10.91
N4 DCZ B 1 -6.96 14.83 -6.94
C1' DCZ B 1 -8.42 12.00 -11.41
C2' DCZ B 1 -8.56 10.49 -11.22
C3' DCZ B 1 -9.66 10.08 -12.22
C4' DCZ B 1 -10.11 11.42 -12.82
O4' DCZ B 1 -9.67 12.43 -11.91
O3' DCZ B 1 -9.17 9.23 -13.25
C5' DCZ B 1 -11.63 11.53 -13.05
O5' DCZ B 1 -12.40 11.40 -11.85
H5 DCZ B 1 -9.32 13.59 -7.18
H6 DCZ B 1 -9.92 12.35 -9.21
HN41 DCZ B 1 -6.04 15.25 -6.97
HN42 DCZ B 1 -7.58 14.95 -6.16
H1' DCZ B 1 -7.66 12.19 -12.18
H2'1 DCZ B 1 -8.86 10.27 -10.19
H2'2 DCZ B 1 -7.62 10.00 -11.45
H3' DCZ B 1 -10.51 9.60 -11.71
H4' DCZ B 1 -9.61 11.56 -13.77
H5'1 DCZ B 1 -11.85 12.49 -13.52
H5'2 DCZ B 1 -11.92 10.74 -13.75
HO5' DCZ B 1 -12.14 12.12 -11.23
N1 5CM B 3 -1.32 7.81 -7.08
C2 5CM B 3 -1.20 8.88 -6.19
N3 5CM B 3 -2.29 9.33 -5.51
C4 5CM B 3 -3.45 8.73 -5.71
C5 5CM B 3 -3.62 7.58 -6.56
C5A 5CM B 3 -4.96 6.87 -6.73
C6 5CM B 3 -2.53 7.16 -7.24
O2 5CM B 3 -0.14 9.44 -5.96
N4 5CM B 3 -4.44 9.28 -5.05
C1' 5CM B 3 -0.13 7.44 -7.91
C2' 5CM B 3 0.25 5.95 -7.92
C3' 5CM B 3 1.02 5.83 -9.23
C4' 5CM B 3 0.40 6.94 -10.10
O4' 5CM B 3 -0.40 7.76 -9.26
O3' 5CM B 3 2.42 6.06 -9.08
C5' 5CM B 3 -0.43 6.41 -11.27
O5' 5CM B 3 -1.48 5.55 -10.86
P 5CM B 3 -2.50 4.93 -11.95
OP1 5CM B 3 -1.70 4.30 -13.04
OP2 5CM B 3 -3.50 4.09 -11.23
H5A1 5CM B 3 -4.89 6.05 -7.45
H5A2 5CM B 3 -5.71 7.57 -7.07
H5A3 5CM B 3 -5.28 6.46 -5.77
H6 5CM B 3 -2.61 6.32 -7.93
HN41 5CM B 3 -4.23 10.06 -4.43
HN42 5CM B 3 -5.36 8.89 -5.11
H1' 5CM B 3 0.75 8.00 -7.58
H2' 5CM B 3 -0.64 5.30 -7.98
H2'' 5CM B 3 0.88 5.72 -7.04
H3' 5CM B 3 0.84 4.85 -9.68
H4' 5CM B 3 1.22 7.54 -10.50
H5' 5CM B 3 -0.83 7.27 -11.82
H5'' 5CM B 3 0.24 5.88 -11.94
P 8OG B 4 3.44 4.94 -8.53
OP1 8OG B 4 4.81 5.34 -8.91
OP2 8OG B 4 2.95 3.60 -8.94
O5' 8OG B 4 3.30 5.04 -6.92
C5' 8OG B 4 3.87 6.13 -6.20
C4' 8OG B 4 3.35 6.21 -4.77
O4' 8OG B 4 2.01 6.70 -4.73
C3' 8OG B 4 3.37 4.86 -4.02
O3' 8OG B 4 3.95 4.96 -2.72
C2' 8OG B 4 1.89 4.56 -3.84
C1' 8OG B 4 1.35 5.98 -3.70
N9 8OG B 4 -0.13 6.13 -3.74
C8 8OG B 4 -1.12 5.39 -4.36
N7 8OG B 4 -2.33 5.74 -4.08
C5 8OG B 4 -2.17 6.80 -3.17
C6 8OG B 4 -3.13 7.59 -2.46
O6 8OG B 4 -4.36 7.51 -2.49
N1 8OG B 4 -2.55 8.52 -1.63
C2 8OG B 4 -1.21 8.70 -1.51
N2 8OG B 4 -0.80 9.59 -0.64
N3 8OG B 4 -0.29 8.01 -2.15
C4 8OG B 4 -0.82 7.05 -2.98
O8 8OG B 4 -0.94 4.45 -5.13
H5' 8OG B 4 3.62 7.07 -6.70
H5'' 8OG B 4 4.95 6.03 -6.18
H4' 8OG B 4 3.98 6.91 -4.22
H3' 8OG B 4 3.86 4.08 -4.60
H2' 8OG B 4 1.51 4.08 -4.76
H2'' 8OG B 4 1.69 3.95 -2.94
H1' 8OG B 4 1.69 6.37 -2.74
H7 8OG B 4 -3.17 5.31 -4.40
H1 8OG B 4 -3.17 9.07 -1.05
H21 8OG B 4 -1.46 10.04 -0.01
H22 8OG B 4 0.20 9.70 -0.51
N1 DCZ A 1 5.05 -10.15 13.98
C2 DCZ A 1 4.16 -11.02 13.34
N3 DCZ A 1 2.82 -10.92 13.55
C4 DCZ A 1 2.38 -9.95 14.33
C5 DCZ A 1 3.23 -9.01 14.96
C6 DCZ A 1 4.57 -9.13 14.76
O2 DCZ A 1 4.54 -11.91 12.58
N4 DCZ A 1 1.10 -9.94 14.53
C1' DCZ A 1 6.52 -10.33 13.78
C2' DCZ A 1 7.15 -9.22 12.95
C3' DCZ A 1 8.57 -9.06 13.52
C4' DCZ A 1 8.57 -10.05 14.70
O4' DCZ A 1 7.22 -10.31 15.01
O3' DCZ A 1 9.58 -9.43 12.58
C5' DCZ A 1 9.33 -9.54 15.94
O5' DCZ A 1 8.77 -8.35 16.49
H5 DCZ A 1 2.85 -8.21 15.59
H6 DCZ A 1 5.27 -8.44 15.23
HN41 DCZ A 1 0.53 -10.64 14.08
HN42 DCZ A 1 0.69 -9.22 15.12
H1' DCZ A 1 6.71 -11.30 13.28
H2'1 DCZ A 1 6.58 -8.28 13.06
H2'2 DCZ A 1 7.18 -9.50 11.90
H3' DCZ A 1 8.75 -8.05 13.89
H4' DCZ A 1 9.05 -10.98 14.37
H5'1 DCZ A 1 9.33 -10.33 16.70
H5'2 DCZ A 1 10.37 -9.36 15.66
HO5' DCZ A 1 7.85 -8.52 16.75
N1 5CM A 3 2.23 -8.42 5.81
C2 5CM A 3 0.97 -8.56 6.41
N3 5CM A 3 0.67 -7.88 7.55
C4 5CM A 3 1.58 -7.07 8.06
C5 5CM A 3 2.87 -6.83 7.45
C5A 5CM A 3 3.89 -5.86 8.02
C6 5CM A 3 3.15 -7.55 6.33
O2 5CM A 3 0.09 -9.29 5.96
N4 5CM A 3 1.21 -6.50 9.18
C1' 5CM A 3 2.56 -9.29 4.63
C2' 5CM A 3 3.11 -8.57 3.41
C3' 5CM A 3 3.84 -9.70 2.68
C4' 5CM A 3 4.24 -10.64 3.85
O4' 5CM A 3 3.56 -10.22 5.02
O3' 5CM A 3 3.02 -10.41 1.76
C5' 5CM A 3 5.75 -10.69 4.10
O5' 5CM A 3 6.32 -9.41 4.37
P 5CM A 3 7.88 -9.26 4.73
OP1 5CM A 3 8.67 -9.98 3.70
OP2 5CM A 3 8.17 -7.83 4.97
H5A1 5CM A 3 3.47 -4.85 8.02
H5A2 5CM A 3 4.13 -6.14 9.06
H5A3 5CM A 3 4.81 -5.86 7.44
H6 5CM A 3 4.11 -7.43 5.84
HN41 5CM A 3 0.27 -6.69 9.51
HN42 5CM A 3 1.83 -5.85 9.63
H1' 5CM A 3 1.67 -9.84 4.32
H2' 5CM A 3 3.84 -7.80 3.68
H2'' 5CM A 3 2.28 -8.16 2.80
H3' 5CM A 3 4.73 -9.32 2.19
H4' 5CM A 3 3.90 -11.64 3.59
H5' 5CM A 3 5.93 -11.36 4.95
H5'' 5CM A 3 6.24 -11.13 3.23
P 8OG A 4 2.66 -9.85 0.29
OP1 8OG A 4 2.21 -10.99 -0.53
OP2 8OG A 4 3.81 -9.03 -0.20
O5' 8OG A 4 1.41 -8.87 0.54
C5' 8OG A 4 0.12 -9.38 0.85
C4' 8OG A 4 -0.83 -8.29 1.36
O4' 8OG A 4 -0.51 -7.91 2.70
C3' 8OG A 4 -0.84 -7.01 0.50
O3' 8OG A 4 -2.16 -6.58 0.19
C2' 8OG A 4 -0.22 -5.98 1.44
C1' 8OG A 4 -0.74 -6.52 2.78
N9 8OG A 4 -0.17 -5.90 3.99
C8 8OG A 4 1.06 -5.35 4.27
N7 8OG A 4 1.18 -4.78 5.42
C5 8OG A 4 -0.09 -4.92 5.99
C6 8OG A 4 -0.62 -4.45 7.24
O6 8OG A 4 -0.05 -3.82 8.12
N1 8OG A 4 -1.95 -4.77 7.40
C2 8OG A 4 -2.68 -5.46 6.50
N2 8OG A 4 -3.94 -5.65 6.76
N3 8OG A 4 -2.22 -5.92 5.34
C4 8OG A 4 -0.92 -5.61 5.13
O8 8OG A 4 2.03 -5.37 3.51
H5' 8OG A 4 0.21 -10.15 1.63
H5'' 8OG A 4 -0.30 -9.84 -0.04
H4' 8OG A 4 -1.85 -8.71 1.36
H3' 8OG A 4 -0.24 -7.11 -0.41
H2' 8OG A 4 0.87 -6.05 1.38
H2'' 8OG A 4 -0.58 -4.97 1.24
H1' 8OG A 4 -1.81 -6.35 2.80
H7 8OG A 4 2.00 -4.30 5.77
H1 8OG A 4 -2.40 -4.42 8.23
H21 8OG A 4 -4.38 -5.18 7.55
H22 8OG A 4 -4.51 -6.13 6.08
N1 DCZ B 1 -7.86 11.97 -10.67
C2 DCZ B 1 -6.62 12.59 -10.53
N3 DCZ B 1 -6.34 13.34 -9.43
C4 DCZ B 1 -7.25 13.42 -8.48
C5 DCZ B 1 -8.51 12.77 -8.54
C6 DCZ B 1 -8.79 12.04 -9.66
O2 DCZ B 1 -5.74 12.51 -11.38
N4 DCZ B 1 -6.95 14.18 -7.47
C1' DCZ B 1 -8.17 11.20 -11.92
C2' DCZ B 1 -8.38 9.70 -11.69
C3' DCZ B 1 -9.36 9.32 -12.80
C4' DCZ B 1 -10.12 10.63 -13.06
O4' DCZ B 1 -9.36 11.70 -12.51
O3' DCZ B 1 -8.69 8.90 -13.98
C5' DCZ B 1 -11.54 10.63 -12.48
O5' DCZ B 1 -11.61 10.32 -11.09
H5 DCZ B 1 -9.25 12.85 -7.76
H6 DCZ B 1 -9.75 11.55 -9.77
HN41 DCZ B 1 -6.04 14.63 -7.47
HN42 DCZ B 1 -7.59 14.28 -6.71
H1' DCZ B 1 -7.36 11.33 -12.65
H2'1 DCZ B 1 -8.81 9.53 -10.71
H2'2 DCZ B 1 -7.44 9.16 -11.78
H3' DCZ B 1 -10.05 8.55 -12.46
H4' DCZ B 1 -10.19 10.78 -14.13
H5'1 DCZ B 1 -11.99 11.61 -12.66
H5'2 DCZ B 1 -12.13 9.88 -13.03
HO5' DCZ B 1 -12.54 10.33 -10.79
N1 5CM B 3 -1.25 7.61 -7.07
C2 5CM B 3 -1.15 8.69 -6.18
N3 5CM B 3 -2.24 9.13 -5.50
C4 5CM B 3 -3.39 8.52 -5.70
C5 5CM B 3 -3.56 7.38 -6.57
C5A 5CM B 3 -4.89 6.66 -6.75
C6 5CM B 3 -2.45 6.96 -7.24
O2 5CM B 3 -0.08 9.26 -5.94
N4 5CM B 3 -4.39 9.06 -5.04
C1' 5CM B 3 -0.05 7.22 -7.86
C2' 5CM B 3 0.32 5.74 -7.81
C3' 5CM B 3 1.14 5.58 -9.10
C4' 5CM B 3 0.57 6.68 -10.01
O4' 5CM B 3 -0.27 7.53 -9.22
O3' 5CM B 3 2.54 5.81 -8.91
C5' 5CM B 3 -0.21 6.13 -11.21
O5' 5CM B 3 -1.29 5.28 -10.84
P 5CM B 3 -2.28 4.66 -11.96
OP1 5CM B 3 -1.44 3.99 -12.99
OP2 5CM B 3 -3.33 3.87 -11.27
H5A1 5CM B 3 -5.21 6.24 -5.79
H5A2 5CM B 3 -4.81 5.86 -7.49
H5A3 5CM B 3 -5.65 7.36 -7.08
H6 5CM B 3 -2.53 6.14 -7.93
HN41 5CM B 3 -4.19 9.84 -4.42
HN42 5CM B 3 -5.30 8.67 -5.12
H1' 5CM B 3 0.83 7.79 -7.52
H2' 5CM B 3 -0.56 5.09 -7.90
H2'' 5CM B 3 0.92 5.52 -6.91
H3' 5CM B 3 0.97 4.60 -9.54
H4' 5CM B 3 1.40 7.28 -10.39
H5' 5CM B 3 -0.60 6.98 -11.79
H5'' 5CM B 3 0.48 5.58 -11.86
P 8OG B 4 3.53 4.70 -8.28
OP1 8OG B 4 4.92 5.07 -8.65
OP2 8OG B 4 3.03 3.35 -8.66
O5' 8OG B 4 3.35 4.86 -6.70
C5' 8OG B 4 3.91 5.99 -6.01
C4' 8OG B 4 3.36 6.12 -4.58
O4' 8OG B 4 2.02 6.60 -4.60
C3' 8OG B 4 3.37 4.80 -3.78
O3' 8OG B 4 3.95 4.97 -2.48
C2' 8OG B 4 1.89 4.51 -3.61
C1' 8OG B 4 1.34 5.94 -3.54
N9 8OG B 4 -0.13 6.09 -3.59
C8 8OG B 4 -1.12 5.33 -4.20
N7 8OG B 4 -2.32 5.68 -3.93
C5 8OG B 4 -2.17 6.75 -3.03
C6 8OG B 4 -3.14 7.52 -2.33
O6 8OG B 4 -4.37 7.44 -2.37
N1 8OG B 4 -2.58 8.47 -1.51
C2 8OG B 4 -1.24 8.67 -1.39
N2 8OG B 4 -0.84 9.57 -0.53
N3 8OG B 4 -0.31 7.96 -2.03
C4 8OG B 4 -0.84 7.00 -2.84
O8 8OG B 4 -0.91 4.39 -4.97
H5' 8OG B 4 3.67 6.90 -6.55
H5'' 8OG B 4 4.99 5.88 -5.97
H4' 8OG B 4 3.98 6.85 -4.05
H3' 8OG B 4 3.86 4.00 -4.32
H2' 8OG B 4 1.52 3.99 -4.50
H2'' 8OG B 4 1.68 3.95 -2.68
H1' 8OG B 4 1.68 6.36 -2.59
H7 8OG B 4 -3.16 5.23 -4.26
H1 8OG B 4 -3.21 9.02 -0.94
H21 8OG B 4 -1.50 10.01 0.10
H22 8OG B 4 0.15 9.70 -0.40
N1 DCZ A 1 5.17 -10.13 14.04
C2 DCZ A 1 4.26 -10.99 13.41
N3 DCZ A 1 2.93 -10.87 13.62
C4 DCZ A 1 2.50 -9.89 14.39
C5 DCZ A 1 3.36 -8.94 15.00
C6 DCZ A 1 4.70 -9.09 14.81
O2 DCZ A 1 4.64 -11.89 12.67
N4 DCZ A 1 1.22 -9.86 14.58
C1' DCZ A 1 6.64 -10.32 13.83
C2' DCZ A 1 7.27 -9.22 12.97
C3' DCZ A 1 8.70 -9.09 13.53
C4' DCZ A 1 8.69 -10.04 14.73
O4' DCZ A 1 7.35 -10.28 15.06
O3' DCZ A 1 9.69 -9.48 12.59
C5' DCZ A 1 9.47 -9.50 15.95
O5' DCZ A 1 8.93 -8.29 16.47
H5 DCZ A 1 2.99 -8.14 15.62
H6 DCZ A 1 5.41 -8.41 15.27
HN41 DCZ A 1 0.65 -10.56 14.13
HN42 DCZ A 1 0.82 -9.13 15.15
H1' DCZ A 1 6.81 -11.29 13.36
H2'1 DCZ A 1 6.71 -8.29 13.07
H2'2 DCZ A 1 7.28 -9.53 11.93
H3' DCZ A 1 8.90 -8.06 13.87
H4' DCZ A 1 9.16 -10.98 14.42
H5'1 DCZ A 1 9.46 -10.27 16.73
H5'2 DCZ A 1 10.51 -9.34 15.66
HO5' DCZ A 1 8.00 -8.45 16.76
N1 5CM A 3 2.30 -8.46 5.84
C2 5CM A 3 1.03 -8.58 6.44
N3 5CM A 3 0.73 -7.90 7.56
C4 5CM A 3 1.64 -7.09 8.07
C5 5CM A 3 2.94 -6.88 7.48
C5A 5CM A 3 3.96 -5.90 8.06
C6 5CM A 3 3.22 -7.59 6.36
O2 5CM A 3 0.15 -9.31 5.97
N4 5CM A 3 1.26 -6.50 9.18
C1' 5CM A 3 2.62 -9.34 4.66
C2' 5CM A 3 3.19 -8.61 3.44
C3' 5CM A 3 3.91 -9.75 2.72
C4' 5CM A 3 4.28 -10.69 3.87
O4' 5CM A 3 3.61 -10.26 5.05
O3' 5CM A 3 3.08 -10.45 1.79
C5' 5CM A 3 5.80 -10.77 4.14
O5' 5CM A 3 6.39 -9.50 4.39
P 5CM A 3 7.95 -9.36 4.75
OP1 5CM A 3 8.73 -10.09 3.73
OP2 5CM A 3 8.26 -7.92 4.99
H5A1 5CM A 3 4.18 -6.17 9.08
H5A2 5CM A 3 3.55 -4.90 8.05
H5A3 5CM A 3 4.89 -5.92 7.48
H6 5CM A 3 4.19 -7.49 5.89
HN41 5CM A 3 0.32 -6.68 9.51
HN42 5CM A 3 1.88 -5.87 9.65
H1' 5CM A 3 1.73 -9.88 4.35
H2' 5CM A 3 3.92 -7.85 3.71
H2'' 5CM A 3 2.37 -8.19 2.83
H3' 5CM A 3 4.81 -9.38 2.22
H4' 5CM A 3 3.95 -11.70 3.63
H5' 5CM A 3 5.98 -11.43 4.98
H5'' 5CM A 3 6.28 -11.21 3.26
P 8OG A 4 2.74 -9.89 0.32
OP1 8OG A 4 2.27 -11.03 -0.51
OP2 8OG A 4 3.90 -9.08 -0.17
O5' 8OG A 4 1.50 -8.89 0.56
C5' 8OG A 4 0.20 -9.39 0.86
C4' 8OG A 4 -0.75 -8.29 1.36
O4' 8OG A 4 -0.43 -7.91 2.70
C3' 8OG A 4 -0.72 -7.00 0.50
O3' 8OG A 4 -2.03 -6.56 0.16
C2' 8OG A 4 -0.12 -5.98 1.46
C1' 8OG A 4 -0.65 -6.52 2.78
N9 8OG A 4 -0.09 -5.90 4.02
C8 8OG A 4 1.14 -5.37 4.31
N7 8OG A 4 1.24 -4.80 5.46
C5 8OG A 4 -0.03 -4.92 6.01
C6 8OG A 4 -0.58 -4.45 7.25
O6 8OG A 4 -0.02 -3.82 8.14
N1 8OG A 4 -1.91 -4.76 7.40
C2 8OG A 4 -2.63 -5.46 6.49
N2 8OG A 4 -3.90 -5.66 6.73
N3 8OG A 4 -2.17 -5.92 5.33
C4 8OG A 4 -0.85 -5.62 5.14
O8 8OG A 4 2.12 -5.39 3.56
H5' 8OG A 4 0.27 -10.15 1.64
H5'' 8OG A 4 -0.23 -9.83 -0.03
H4' 8OG A 4 -1.77 -8.69 1.35
H3' 8OG A 4 -0.11 -7.11 -0.39
H2' 8OG A 4 0.97 -6.06 1.42
H2'' 8OG A 4 -0.47 -4.96 1.26
H1' 8OG A 4 -1.72 -6.34 2.80
H7 8OG A 4 2.06 -4.32 5.82
H1 8OG A 4 -2.37 -4.41 8.22
H21 8OG A 4 -4.34 -5.18 7.52
H22 8OG A 4 -4.46 -6.14 6.05
N1 DCZ B 1 -7.80 12.25 -10.71
C2 DCZ B 1 -6.53 12.81 -10.55
N3 DCZ B 1 -6.22 13.55 -9.45
C4 DCZ B 1 -7.15 13.70 -8.52
C5 DCZ B 1 -8.44 13.12 -8.61
C6 DCZ B 1 -8.74 12.40 -9.72
O2 DCZ B 1 -5.63 12.66 -11.38
N4 DCZ B 1 -6.83 14.46 -7.51
C1' DCZ B 1 -8.12 11.50 -11.96
C2' DCZ B 1 -8.44 10.02 -11.71
C3' DCZ B 1 -9.43 9.68 -12.83
C4' DCZ B 1 -10.08 11.03 -13.13
O4' DCZ B 1 -9.27 12.07 -12.57
O3' DCZ B 1 -8.76 9.21 -13.99
C5' DCZ B 1 -11.52 11.14 -12.58
O5' DCZ B 1 -11.64 10.86 -11.19
H5 DCZ B 1 -9.19 13.26 -7.83
H6 DCZ B 1 -9.72 11.95 -9.84
HN41 DCZ B 1 -5.89 14.86 -7.51
HN42 DCZ B 1 -7.49 14.61 -6.77
H1' DCZ B 1 -7.29 11.56 -12.67
H2'1 DCZ B 1 -8.90 9.88 -10.73
H2'2 DCZ B 1 -7.54 9.42 -11.78
H3' DCZ B 1 -10.17 8.97 -12.50
H4' DCZ B 1 -10.13 11.17 -14.21
H5'1 DCZ B 1 -11.90 12.15 -12.79
H5'2 DCZ B 1 -12.15 10.44 -13.13
HO5' DCZ B 1 -12.57 10.93 -10.91
N1 5CM B 3 -1.38 7.65 -7.05
C2 5CM B 3 -1.26 8.71 -6.14
N3 5CM B 3 -2.34 9.18 -5.48
C4 5CM B 3 -3.50 8.60 -5.68
C5 5CM B 3 -3.69 7.47 -6.55
C5A 5CM B 3 -5.04 6.78 -6.75
C6 5CM B 3 -2.60 7.03 -7.23
O2 5CM B 3 -0.18 9.26 -5.91
N4 5CM B 3 -4.49 9.16 -5.02
C1' 5CM B 3 -0.19 7.24 -7.84
C2' 5CM B 3 0.16 5.75 -7.80
C3' 5CM B 3 0.95 5.58 -9.10
C4' 5CM B 3 0.37 6.67 -10.01
O4' 5CM B 3 -0.42 7.54 -9.21
O3' 5CM B 3 2.35 5.77 -8.95
C5' 5CM B 3 -0.45 6.13 -11.18
O5' 5CM B 3 -1.55 5.32 -10.75
P 5CM B 3 -2.58 4.69 -11.83
OP1 5CM B 3 -1.79 3.96 -12.85
OP2 5CM B 3 -3.64 3.97 -11.11
H5A1 5CM B 3 -5.79 7.50 -7.09
H5A2 5CM B 3 -5.38 6.36 -5.79
H5A3 5CM B 3 -4.97 5.97 -7.48
H6 5CM B 3 -2.68 6.20 -7.92
HN41 5CM B 3 -4.28 9.93 -4.41
HN42 5CM B 3 -5.42 8.78 -5.11
H1' 5CM B 3 0.70 7.79 -7.51
H2' 5CM B 3 -0.74 5.13 -7.86
H2'' 5CM B 3 0.77 5.53 -6.91
H3' 5CM B 3 0.75 4.59 -9.52
H4' 5CM B 3 1.20 7.24 -10.42
H5' 5CM B 3 -0.83 6.97 -11.75
H5'' 5CM B 3 0.20 5.54 -11.81
P 8OG B 4 3.34 4.65 -8.32
OP1 8OG B 4 4.72 4.99 -8.72
OP2 8OG B 4 2.80 3.31 -8.65
O5' 8OG B 4 3.21 4.87 -6.73
C5' 8OG B 4 3.77 6.01 -6.09
C4' 8OG B 4 3.27 6.18 -4.64
O4' 8OG B 4 1.92 6.66 -4.64
C3' 8OG B 4 3.31 4.89 -3.81
O3' 8OG B 4 3.89 5.09 -2.53
C2' 8OG B 4 1.83 4.57 -3.62
C1' 8OG B 4 1.27 5.99 -3.57
N9 8OG B 4 -0.20 6.14 -3.61
C8 8OG B 4 -1.19 5.37 -4.20
N7 8OG B 4 -2.40 5.72 -3.93
C5 8OG B 4 -2.25 6.78 -3.04
C6 8OG B 4 -3.22 7.56 -2.33
O6 8OG B 4 -4.46 7.48 -2.37
N1 8OG B 4 -2.65 8.50 -1.51
C2 8OG B 4 -1.32 8.69 -1.39
N2 8OG B 4 -0.92 9.60 -0.53
N3 8OG B 4 -0.39 8.00 -2.04
C4 8OG B 4 -0.92 7.05 -2.86
O8 8OG B 4 -0.99 4.41 -4.96
H5' 8OG B 4 3.52 6.91 -6.65
H5'' 8OG B 4 4.86 5.91 -6.07
H4' 8OG B 4 3.89 6.94 -4.16
H3' 8OG B 4 3.80 4.07 -4.33
H2' 8OG B 4 1.46 4.04 -4.50
H2'' 8OG B 4 1.64 4.02 -2.69
H1' 8OG B 4 1.62 6.44 -2.63
H7 8OG B 4 -3.24 5.26 -4.26
H1 8OG B 4 -3.28 9.05 -0.93
H21 8OG B 4 -1.58 10.03 0.10
H22 8OG B 4 0.08 9.72 -0.41
N1 DCZ A 1 5.40 -10.06 13.78
C2 DCZ A 1 4.48 -10.96 13.21
N3 DCZ A 1 3.15 -10.84 13.44
C4 DCZ A 1 2.73 -9.85 14.20
C5 DCZ A 1 3.61 -8.89 14.78
C6 DCZ A 1 4.94 -9.02 14.55
O2 DCZ A 1 4.84 -11.88 12.47
N4 DCZ A 1 1.45 -9.81 14.44
C1' DCZ A 1 6.86 -10.27 13.57
C2' DCZ A 1 7.52 -9.12 12.81
C3' DCZ A 1 8.95 -9.12 13.36
C4' DCZ A 1 8.78 -9.72 14.77
O4' DCZ A 1 7.51 -10.37 14.83
O3' DCZ A 1 9.82 -9.94 12.58
C5' DCZ A 1 8.89 -8.68 15.89
O5' DCZ A 1 8.00 -7.57 15.74
H5 DCZ A 1 3.24 -8.07 15.39
H6 DCZ A 1 5.65 -8.33 14.98
HN41 DCZ A 1 0.87 -10.52 14.01
HN42 DCZ A 1 1.08 -9.07 15.00
H1' DCZ A 1 7.04 -11.20 13.00
H2'1 DCZ A 1 7.02 -8.17 13.04
H2'2 DCZ A 1 7.51 -9.29 11.74
H3' DCZ A 1 9.36 -8.10 13.43
H4' DCZ A 1 9.56 -10.47 14.93
H5'1 DCZ A 1 8.71 -9.18 16.84
H5'2 DCZ A 1 9.92 -8.29 15.90
HO5' DCZ A 1 8.12 -6.94 16.48
N1 5CM A 3 2.27 -8.39 5.87
C2 5CM A 3 1.00 -8.51 6.46
N3 5CM A 3 0.69 -7.81 7.59
C4 5CM A 3 1.61 -7.01 8.10
C5 5CM A 3 2.91 -6.80 7.51
C5A 5CM A 3 3.93 -5.83 8.09
C6 5CM A 3 3.20 -7.52 6.40
O2 5CM A 3 0.12 -9.23 6.00
N4 5CM A 3 1.22 -6.42 9.21
C1' 5CM A 3 2.59 -9.26 4.71
C2' 5CM A 3 3.15 -8.53 3.47
C3' 5CM A 3 3.90 -9.65 2.77
C4' 5CM A 3 4.30 -10.58 3.93
O4' 5CM A 3 3.59 -10.18 5.09
O3' 5CM A 3 3.11 -10.37 1.83
C5' 5CM A 3 5.81 -10.61 4.20
O5' 5CM A 3 6.35 -9.33 4.50
P 5CM A 3 7.90 -9.16 4.89
OP1 5CM A 3 8.72 -9.79 3.83
OP2 5CM A 3 8.15 -7.73 5.22
H5A1 5CM A 3 3.53 -4.81 8.07
H5A2 5CM A 3 4.87 -5.85 7.52
H5A3 5CM A 3 4.14 -6.09 9.13
H6 5CM A 3 4.17 -7.43 5.93
HN41 5CM A 3 0.28 -6.59 9.54
HN42 5CM A 3 1.84 -5.78 9.67
H1' 5CM A 3 1.71 -9.81 4.39
H2' 5CM A 3 3.87 -7.75 3.75
H2'' 5CM A 3 2.32 -8.13 2.87
H3' 5CM A 3 4.80 -9.26 2.28
H4' 5CM A 3 3.99 -11.60 3.66
H5' 5CM A 3 5.99 -11.30 5.03
H5'' 5CM A 3 6.31 -11.02 3.32
P 8OG A 4 2.76 -9.81 0.35
OP1 8OG A 4 2.33 -10.95 -0.48
OP2 8OG A 4 3.91 -8.99 -0.13
O5' 8OG A 4 1.51 -8.84 0.58
C5' 8OG A 4 0.22 -9.35 0.88
C4' 8OG A 4 -0.76 -8.27 1.37
O4' 8OG A 4 -0.44 -7.88 2.71
C3' 8OG A 4 -0.76 -6.98 0.50
O3' 8OG A 4 -2.07 -6.56 0.16
C2' 8OG A 4 -0.15 -5.96 1.44
C1' 8OG A 4 -0.68 -6.49 2.78
N9 8OG A 4 -0.12 -5.86 4.00
C8 8OG A 4 1.12 -5.31 4.28
N7 8OG A 4 1.23 -4.74 5.43
C5 8OG A 4 -0.04 -4.88 5.99
C6 8OG A 4 -0.58 -4.40 7.23
O6 8OG A 4 -0.02 -3.76 8.12
N1 8OG A 4 -1.91 -4.72 7.39
C2 8OG A 4 -2.64 -5.42 6.49
N2 8OG A 4 -3.91 -5.61 6.76
N3 8OG A 4 -2.18 -5.89 5.33
C4 8OG A 4 -0.86 -5.58 5.13
O8 8OG A 4 2.09 -5.34 3.52
H5' 8OG A 4 0.29 -10.12 1.65
H5'' 8OG A 4 -0.20 -9.82 -0.02
H4' 8OG A 4 -1.77 -8.69 1.35
H3' 8OG A 4 -0.15 -7.09 -0.40
H2' 8OG A 4 0.94 -6.02 1.39
H2'' 8OG A 4 -0.52 -4.95 1.23
H1' 8OG A 4 -1.76 -6.31 2.79
H7 8OG A 4 2.04 -4.26 5.78
H1 8OG A 4 -2.37 -4.37 8.22
H21 8OG A 4 -4.33 -5.14 7.54
H22 8OG A 4 -4.46 -6.10 6.08
N1 DCZ B 1 -7.79 12.26 -10.73
C2 DCZ B 1 -6.52 12.83 -10.57
N3 DCZ B 1 -6.21 13.57 -9.48
C4 DCZ B 1 -7.14 13.71 -8.55
C5 DCZ B 1 -8.43 13.14 -8.63
C6 DCZ B 1 -8.72 12.41 -9.74
O2 DCZ B 1 -5.62 12.69 -11.41
N4 DCZ B 1 -6.82 14.47 -7.54
C1' DCZ B 1 -8.10 11.52 -11.98
C2' DCZ B 1 -8.43 10.04 -11.74
C3' DCZ B 1 -9.41 9.70 -12.87
C4' DCZ B 1 -10.07 11.07 -13.16
O4' DCZ B 1 -9.25 12.09 -12.60
O3' DCZ B 1 -8.74 9.22 -14.03
C5' DCZ B 1 -11.50 11.17 -12.63
O5' DCZ B 1 -11.62 10.89 -11.23
H5 DCZ B 1 -9.18 13.26 -7.86
H6 DCZ B 1 -9.70 11.97 -9.88
HN41 DCZ B 1 -5.89 14.87 -7.52
HN42 DCZ B 1 -7.47 14.62 -6.79
H1' DCZ B 1 -7.27 11.58 -12.69
H2'1 DCZ B 1 -8.89 9.91 -10.77
H2'2 DCZ B 1 -7.52 9.43 -11.81
H3' DCZ B 1 -10.17 8.99 -12.54
H4' DCZ B 1 -10.10 11.20 -14.24
H5'1 DCZ B 1 -11.88 12.17 -12.82
H5'2 DCZ B 1 -12.13 10.47 -13.18
HO5' DCZ B 1 -12.55 10.97 -10.95
N1 5CM B 3 -1.38 7.68 -7.08
C2 5CM B 3 -1.26 8.74 -6.17
N3 5CM B 3 -2.34 9.20 -5.50
C4 5CM B 3 -3.50 8.61 -5.71
C5 5CM B 3 -3.69 7.48 -6.59
C5A 5CM B 3 -5.02 6.79 -6.79
C6 5CM B 3 -2.58 7.05 -7.26
O2 5CM B 3 -0.19 9.30 -5.92
N4 5CM B 3 -4.50 9.16 -5.05
C1' 5CM B 3 -0.17 7.29 -7.87
C2' 5CM B 3 0.18 5.80 -7.83
C3' 5CM B 3 0.98 5.63 -9.12
C4' 5CM B 3 0.39 6.73 -10.02
O4' 5CM B 3 -0.40 7.59 -9.23
O3' 5CM B 3 2.38 5.85 -8.97
C5' 5CM B 3 -0.44 6.17 -11.20
O5' 5CM B 3 -1.54 5.36 -10.79
P 5CM B 3 -2.55 4.73 -11.86
OP1 5CM B 3 -1.75 4.00 -12.88
OP2 5CM B 3 -3.62 4.00 -11.13
H5A1 5CM B 3 -5.37 6.36 -5.83
H5A2 5CM B 3 -4.96 5.98 -7.52
H5A3 5CM B 3 -5.78 7.50 -7.12
H6 5CM B 3 -2.66 6.23 -7.96
HN41 5CM B 3 -4.29 9.94 -4.43
HN42 5CM B 3 -5.42 8.78 -5.13
H1' 5CM B 3 0.71 7.85 -7.53
H2' 5CM B 3 -0.71 5.17 -7.88
H2'' 5CM B 3 0.80 5.59 -6.94
H3' 5CM B 3 0.79 4.64 -9.56
H4' 5CM B 3 1.22 7.30 -10.45
H5' 5CM B 3 -0.81 7.02 -11.78
H5'' 5CM B 3 0.22 5.59 -11.85
P 8OG B 4 3.37 4.73 -8.34
OP1 8OG B 4 4.76 5.09 -8.74
OP2 8OG B 4 2.86 3.38 -8.69
O5' 8OG B 4 3.23 4.93 -6.75
C5' 8OG B 4 3.78 6.07 -6.09
C4' 8OG B 4 3.26 6.22 -4.66
O4' 8OG B 4 1.91 6.70 -4.65
C3' 8OG B 4 3.30 4.92 -3.83
O3' 8OG B 4 3.88 5.11 -2.55
C2' 8OG B 4 1.82 4.61 -3.65
C1' 8OG B 4 1.26 6.02 -3.59
N9 8OG B 4 -0.22 6.16 -3.63
C8 8OG B 4 -1.19 5.40 -4.24
N7 8OG B 4 -2.41 5.74 -3.96
C5 8OG B 4 -2.26 6.80 -3.06
C6 8OG B 4 -3.24 7.57 -2.36
O6 8OG B 4 -4.47 7.48 -2.39
N1 8OG B 4 -2.68 8.51 -1.53
C2 8OG B 4 -1.34 8.71 -1.40
N2 8OG B 4 -0.93 9.60 -0.54
N3 8OG B 4 -0.40 8.02 -2.05
C4 8OG B 4 -0.92 7.07 -2.87
O8 8OG B 4 -0.99 4.45 -4.99
H5' 8OG B 4 3.52 6.97 -6.64
H5'' 8OG B 4 4.87 5.98 -6.07
H4' 8OG B 4 3.88 6.97 -4.16
H3' 8OG B 4 3.81 4.10 -4.37
H2' 8OG B 4 1.46 4.07 -4.53
H2'' 8OG B 4 1.63 4.05 -2.72
H1' 8OG B 4 1.61 6.47 -2.65
H7 8OG B 4 -3.25 5.28 -4.29
H1 8OG B 4 -3.30 9.06 -0.95
H21 8OG B 4 -1.61 10.04 0.09
H22 8OG B 4 0.06 9.74 -0.41
N1 DCZ A 1 5.07 -9.96 14.14
C2 DCZ A 1 4.18 -10.85 13.51
N3 DCZ A 1 2.84 -10.75 13.70
C4 DCZ A 1 2.39 -9.77 14.46
C5 DCZ A 1 3.22 -8.81 15.08
C6 DCZ A 1 4.56 -8.93 14.90
O2 DCZ A 1 4.57 -11.75 12.77
N4 DCZ A 1 1.10 -9.76 14.65
C1' DCZ A 1 6.53 -10.14 13.94
C2' DCZ A 1 7.17 -9.02 13.10
C3' DCZ A 1 8.59 -8.87 13.68
C4' DCZ A 1 8.58 -9.83 14.87
O4' DCZ A 1 7.22 -10.09 15.18
O3' DCZ A 1 9.60 -9.24 12.75
C5' DCZ A 1 9.32 -9.29 16.11
O5' DCZ A 1 8.76 -8.09 16.62
H5 DCZ A 1 2.83 -8.01 15.69
H6 DCZ A 1 5.25 -8.23 15.36
HN41 DCZ A 1 0.55 -10.48 14.20
HN42 DCZ A 1 0.69 -9.05 15.21
H1' DCZ A 1 6.74 -11.11 13.47
H2'1 DCZ A 1 6.59 -8.10 13.20
H2'2 DCZ A 1 7.19 -9.33 12.05
H3' DCZ A 1 8.76 -7.84 14.03
H4' DCZ A 1 9.06 -10.76 14.57
H5'1 DCZ A 1 9.31 -10.06 16.88
H5'2 DCZ A 1 10.37 -9.11 15.84
HO5' DCZ A 1 7.83 -8.27 16.89
N1 5CM A 3 2.25 -8.37 5.90
C2 5CM A 3 0.99 -8.51 6.50
N3 5CM A 3 0.67 -7.83 7.62
C4 5CM A 3 1.57 -7.00 8.13
C5 5CM A 3 2.86 -6.77 7.54
C5A 5CM A 3 3.88 -5.78 8.11
C6 5CM A 3 3.16 -7.48 6.42
O2 5CM A 3 0.12 -9.24 6.03
N4 5CM A 3 1.18 -6.43 9.23
C1' 5CM A 3 2.59 -9.24 4.74
C2' 5CM A 3 3.14 -8.53 3.50
C3' 5CM A 3 3.90 -9.66 2.81
C4' 5CM A 3 4.31 -10.58 3.98
O4' 5CM A 3 3.60 -10.15 5.14
O3' 5CM A 3 3.11 -10.39 1.88
C5' 5CM A 3 5.81 -10.60 4.26
O5' 5CM A 3 6.35 -9.30 4.52
P 5CM A 3 7.91 -9.12 4.89
OP1 5CM A 3 8.72 -9.82 3.87
OP2 5CM A 3 8.17 -7.67 5.14
H5A1 5CM A 3 4.80 -5.78 7.53
H5A2 5CM A 3 4.10 -6.03 9.14
H5A3 5CM A 3 3.44 -4.78 8.09
H6 5CM A 3 4.13 -7.37 5.94
HN41 5CM A 3 0.24 -6.61 9.57
HN42 5CM A 3 1.80 -5.78 9.70
H1' 5CM A 3 1.71 -9.81 4.42
H2' 5CM A 3 3.86 -7.75 3.78
H2'' 5CM A 3 2.32 -8.15 2.89
H3' 5CM A 3 4.80 -9.26 2.32
H4' 5CM A 3 4.00 -11.60 3.74
H5' 5CM A 3 6.00 -11.25 5.11
H5'' 5CM A 3 6.32 -11.02 3.38
P 8OG A 4 2.77 -9.86 0.39
OP1 8OG A 4 2.35 -11.02 -0.42
OP2 8OG A 4 3.92 -9.04 -0.09
O5' 8OG A 4 1.51 -8.88 0.61
C5' 8OG A 4 0.21 -9.41 0.90
C4' 8OG A 4 -0.76 -8.32 1.37
O4' 8OG A 4 -0.47 -7.92 2.71
C3' 8OG A 4 -0.76 -7.05 0.49
O3' 8OG A 4 -2.07 -6.63 0.14
C2' 8OG A 4 -0.16 -6.01 1.43
C1' 8OG A 4 -0.70 -6.53 2.76
N9 8OG A 4 -0.15 -5.90 3.99
C8 8OG A 4 1.08 -5.34 4.26
N7 8OG A 4 1.17 -4.77 5.42
C5 8OG A 4 -0.10 -4.91 5.97
C6 8OG A 4 -0.64 -4.44 7.21
O6 8OG A 4 -0.09 -3.80 8.11
N1 8OG A 4 -1.98 -4.76 7.37
C2 8OG A 4 -2.70 -5.46 6.46
N2 8OG A 4 -3.96 -5.66 6.71
N3 8OG A 4 -2.22 -5.92 5.31
C4 8OG A 4 -0.91 -5.61 5.12
O8 8OG A 4 2.05 -5.35 3.53
H5' 8OG A 4 0.29 -10.17 1.68
H5'' 8OG A 4 -0.19 -9.88 0.01
H4' 8OG A 4 -1.77 -8.75 1.36
H3' 8OG A 4 -0.13 -7.17 -0.40
H2' 8OG A 4 0.93 -6.07 1.39
H2'' 8OG A 4 -0.53 -5.00 1.21
H1' 8OG A 4 -1.78 -6.36 2.77
H7 8OG A 4 1.99 -4.28 5.78
H1 8OG A 4 -2.44 -4.41 8.20
H21 8OG A 4 -4.40 -5.19 7.51
H22 8OG A 4 -4.51 -6.15 6.03
N1 DCZ B 1 -8.11 12.80 -9.31
C2 DCZ B 1 -6.86 13.44 -9.41
N3 DCZ B 1 -6.43 14.29 -8.46
C4 DCZ B 1 -7.19 14.48 -7.40
C5 DCZ B 1 -8.45 13.85 -7.21
C6 DCZ B 1 -8.88 13.02 -8.20
O2 DCZ B 1 -6.10 13.27 -10.38
N4 DCZ B 1 -6.73 15.33 -6.52
C1' DCZ B 1 -8.54 11.90 -10.42
C2' DCZ B 1 -9.26 10.61 -10.04
C3' DCZ B 1 -9.72 10.16 -11.42
C4' DCZ B 1 -9.97 11.50 -12.14
O4' DCZ B 1 -9.42 12.53 -11.32
O3' DCZ B 1 -8.68 9.44 -12.07
C5' DCZ B 1 -11.46 11.79 -12.43
O5' DCZ B 1 -12.26 11.82 -11.25
H5 DCZ B 1 -9.06 14.03 -6.34
H6 DCZ B 1 -9.85 12.53 -8.11
HN41 DCZ B 1 -5.83 15.76 -6.72
HN42 DCZ B 1 -7.26 15.53 -5.69
H1' DCZ B 1 -7.64 11.60 -10.99
H2'1 DCZ B 1 -10.12 10.78 -9.41
H2'2 DCZ B 1 -8.61 9.89 -9.56
H3' DCZ B 1 -10.65 9.57 -11.36
H4' DCZ B 1 -9.43 11.49 -13.10
H5'1 DCZ B 1 -11.54 12.75 -12.94
H5'2 DCZ B 1 -11.84 11.01 -13.09
HO5' DCZ B 1 -11.94 12.54 -10.66
N1 5CM B 3 -1.25 7.61 -7.14
C2 5CM B 3 -1.15 8.69 -6.25
N3 5CM B 3 -2.24 9.17 -5.61
C4 5CM B 3 -3.40 8.58 -5.83
C5 5CM B 3 -3.56 7.41 -6.67
C5A 5CM B 3 -4.90 6.71 -6.86
C6 5CM B 3 -2.46 6.96 -7.30
O2 5CM B 3 -0.08 9.26 -6.01
N4 5CM B 3 -4.40 9.14 -5.20
C1' 5CM B 3 -0.05 7.24 -7.96
C2' 5CM B 3 0.33 5.76 -7.94
C3' 5CM B 3 1.15 5.65 -9.24
C4' 5CM B 3 0.55 6.75 -10.12
O4' 5CM B 3 -0.31 7.55 -9.31
O3' 5CM B 3 2.54 5.90 -9.05
C5' 5CM B 3 -0.22 6.23 -11.34
O5' 5CM B 3 -1.26 5.32 -11.01
P 5CM B 3 -2.22 4.70 -12.14
OP1 5CM B 3 -1.37 4.16 -13.23
OP2 5CM B 3 -3.19 3.78 -11.49
H5A1 5CM B 3 -4.81 5.87 -7.54
H5A2 5CM B 3 -5.64 7.41 -7.25
H5A3 5CM B 3 -5.27 6.34 -5.89
H6 5CM B 3 -2.52 6.11 -7.96
HN41 5CM B 3 -4.20 9.92 -4.59
HN42 5CM B 3 -5.33 8.76 -5.28
H1' 5CM B 3 0.82 7.80 -7.62
H2' 5CM B 3 -0.55 5.11 -8.04
H2'' 5CM B 3 0.94 5.53 -7.06
H3' 5CM B 3 0.99 4.67 -9.70
H4' 5CM B 3 1.37 7.39 -10.48
H5' 5CM B 3 -0.65 7.09 -11.87
H5'' 5CM B 3 0.49 5.74 -12.01
P 8OG B 4 3.55 4.80 -8.44
OP1 8OG B 4 4.93 5.20 -8.80
OP2 8OG B 4 3.08 3.44 -8.83
O5' 8OG B 4 3.39 4.96 -6.85
C5' 8OG B 4 3.91 6.07 -6.15
C4' 8OG B 4 3.36 6.19 -4.71
O4' 8OG B 4 2.01 6.64 -4.72
C3' 8OG B 4 3.40 4.86 -3.92
O3' 8OG B 4 3.97 5.02 -2.63
C2' 8OG B 4 1.92 4.54 -3.75
C1' 8OG B 4 1.35 5.96 -3.67
N9 8OG B 4 -0.12 6.09 -3.73
C8 8OG B 4 -1.09 5.33 -4.34
N7 8OG B 4 -2.31 5.68 -4.08
C5 8OG B 4 -2.18 6.74 -3.19
C6 8OG B 4 -3.17 7.52 -2.50
O6 8OG B 4 -4.39 7.43 -2.55
N1 8OG B 4 -2.61 8.46 -1.67
C2 8OG B 4 -1.28 8.65 -1.52
N2 8OG B 4 -0.89 9.56 -0.66
N3 8OG B 4 -0.33 7.96 -2.16
C4 8OG B 4 -0.84 7.00 -2.98
O8 8OG B 4 -0.88 4.39 -5.11
H5' 8OG B 4 3.64 7.00 -6.68
H5'' 8OG B 4 4.99 6.00 -6.11
H4' 8OG B 4 3.97 6.92 -4.19
H3' 8OG B 4 3.91 4.07 -4.48
H2' 8OG B 4 1.56 4.03 -4.65
H2'' 8OG B 4 1.73 3.98 -2.84
H1' 8OG B 4 1.69 6.39 -2.72
H7 8OG B 4 -3.15 5.22 -4.43
H1 8OG B 4 -3.25 9.01 -1.11
H21 8OG B 4 -1.56 9.99 -0.04
H22 8OG B 4 0.11 9.68 -0.52
N1 DCZ A 1 5.44 -10.69 13.47
C2 DCZ A 1 4.59 -11.49 12.72
N3 DCZ A 1 3.24 -11.45 12.90
C4 DCZ A 1 2.76 -10.62 13.80
C5 DCZ A 1 3.57 -9.75 14.57
C6 DCZ A 1 4.91 -9.80 14.38
O2 DCZ A 1 5.00 -12.28 11.87
N4 DCZ A 1 1.47 -10.66 13.97
C1' DCZ A 1 6.92 -10.80 13.29
C2' DCZ A 1 7.56 -9.51 12.78
C3' DCZ A 1 8.98 -9.59 13.33
C4' DCZ A 1 8.78 -10.41 14.63
O4' DCZ A 1 7.53 -11.09 14.53
O3' DCZ A 1 9.87 -10.29 12.46
C5' DCZ A 1 8.81 -9.54 15.90
O5' DCZ A 1 7.88 -8.45 15.89
H5 DCZ A 1 3.16 -9.07 15.30
H6 DCZ A 1 5.58 -9.17 14.96
HN41 DCZ A 1 0.94 -11.31 13.40
HN42 DCZ A 1 1.04 -10.03 14.63
H1' DCZ A 1 7.15 -11.61 12.58
H2'1 DCZ A 1 7.05 -8.63 13.17
H2'2 DCZ A 1 7.56 -9.48 11.69
H3' DCZ A 1 9.37 -8.60 13.57
H4' DCZ A 1 9.58 -11.14 14.70
H5'1 DCZ A 1 8.61 -10.18 16.76
H5'2 DCZ A 1 9.83 -9.14 16.02
HO5' DCZ A 1 7.97 -7.94 16.72
N1 5CM A 3 2.20 -8.36 5.81
C2 5CM A 3 0.92 -8.45 6.39
N3 5CM A 3 0.62 -7.75 7.51
C4 5CM A 3 1.55 -6.97 8.03
C5 5CM A 3 2.87 -6.81 7.46
C5A 5CM A 3 3.92 -5.87 8.05
C6 5CM A 3 3.15 -7.53 6.35
O2 5CM A 3 0.03 -9.14 5.90
N4 5CM A 3 1.18 -6.38 9.14
C1' 5CM A 3 2.50 -9.23 4.64
C2' 5CM A 3 3.09 -8.52 3.41
C3' 5CM A 3 3.83 -9.65 2.70
C4' 5CM A 3 4.19 -10.60 3.86
O4' 5CM A 3 3.47 -10.19 5.03
O3' 5CM A 3 3.02 -10.35 1.76
C5' 5CM A 3 5.69 -10.65 4.16
O5' 5CM A 3 6.24 -9.38 4.49
P 5CM A 3 7.80 -9.23 4.88
OP1 5CM A 3 8.61 -9.88 3.82
OP2 5CM A 3 8.07 -7.81 5.22
H5A1 5CM A 3 4.85 -5.92 7.50
H5A2 5CM A 3 4.11 -6.14 9.10
H5A3 5CM A 3 3.55 -4.84 8.04
H6 5CM A 3 4.13 -7.46 5.90
HN41 5CM A 3 0.23 -6.53 9.46
HN42 5CM A 3 1.81 -5.75 9.61
H1' 5CM A 3 1.60 -9.75 4.31
H2' 5CM A 3 3.83 -7.76 3.72
H2'' 5CM A 3 2.28 -8.10 2.80
H3' 5CM A 3 4.74 -9.28 2.23
H4' 5CM A 3 3.86 -11.61 3.60
H5' 5CM A 3 5.85 -11.35 5.00
H5'' 5CM A 3 6.21 -11.06 3.29
P 8OG A 4 2.70 -9.76 0.29
OP1 8OG A 4 2.25 -10.90 -0.56
OP2 8OG A 4 3.85 -8.95 -0.17
O5' 8OG A 4 1.45 -8.78 0.52
C5' 8OG A 4 0.15 -9.29 0.82
C4' 8OG A 4 -0.81 -8.19 1.32
O4' 8OG A 4 -0.49 -7.82 2.65
C3' 8OG A 4 -0.80 -6.91 0.45
O3' 8OG A 4 -2.10 -6.48 0.11
C2' 8OG A 4 -0.20 -5.89 1.41
C1' 8OG A 4 -0.72 -6.42 2.74
N9 8OG A 4 -0.17 -5.80 3.97
C8 8OG A 4 1.07 -5.26 4.25
N7 8OG A 4 1.18 -4.69 5.40
C5 8OG A 4 -0.11 -4.82 5.95
C6 8OG A 4 -0.64 -4.35 7.19
O6 8OG A 4 -0.08 -3.71 8.09
N1 8OG A 4 -1.97 -4.67 7.35
C2 8OG A 4 -2.70 -5.37 6.45
N2 8OG A 4 -3.96 -5.56 6.71
N3 8OG A 4 -2.23 -5.82 5.29
C4 8OG A 4 -0.92 -5.51 5.09
O8 8OG A 4 2.05 -5.29 3.51
H5' 8OG A 4 0.23 -10.06 1.59
H5'' 8OG A 4 -0.27 -9.74 -0.07
H4' 8OG A 4 -1.82 -8.61 1.31
H3' 8OG A 4 -0.17 -7.02 -0.44
H2' 8OG A 4 0.90 -5.95 1.36
H2'' 8OG A 4 -0.56 -4.87 1.21
H1' 8OG A 4 -1.80 -6.24 2.75
H7 8OG A 4 1.99 -4.22 5.76
H1 8OG A 4 -2.43 -4.33 8.18
H21 8OG A 4 -4.40 -5.10 7.50
H22 8OG A 4 -4.52 -6.04 6.02
N1 DCZ B 1 -7.88 12.43 -10.43
C2 DCZ B 1 -6.62 13.00 -10.28
N3 DCZ B 1 -6.31 13.73 -9.18
C4 DCZ B 1 -7.20 13.84 -8.22
C5 DCZ B 1 -8.49 13.24 -8.28
C6 DCZ B 1 -8.80 12.53 -9.40
O2 DCZ B 1 -5.74 12.88 -11.14
N4 DCZ B 1 -6.87 14.59 -7.21
C1' DCZ B 1 -8.22 11.70 -11.68
C2' DCZ B 1 -8.39 10.20 -11.47
C3' DCZ B 1 -9.45 9.78 -12.51
C4' DCZ B 1 -9.88 11.12 -13.12
O4' DCZ B 1 -9.44 12.14 -12.22
O3' DCZ B 1 -8.92 8.93 -13.52
C5' DCZ B 1 -11.40 11.23 -13.38
O5' DCZ B 1 -12.18 11.11 -12.18
H5 DCZ B 1 -9.22 13.34 -7.50
H6 DCZ B 1 -9.78 12.07 -9.51
HN41 DCZ B 1 -5.94 15.01 -7.22
HN42 DCZ B 1 -7.50 14.71 -6.45
H1' DCZ B 1 -7.43 11.88 -12.43
H2'1 DCZ B 1 -8.72 9.98 -10.45
H2'2 DCZ B 1 -7.44 9.68 -11.65
H3' DCZ B 1 -10.31 9.30 -12.03
H4' DCZ B 1 -9.36 11.25 -14.06
H5'1 DCZ B 1 -11.60 12.19 -13.86
H5'2 DCZ B 1 -11.68 10.44 -14.07
HO5' DCZ B 1 -11.94 11.83 -11.57
N1 5CM B 3 -1.24 7.65 -7.09
C2 5CM B 3 -1.14 8.74 -6.20
N3 5CM B 3 -2.24 9.19 -5.54
C4 5CM B 3 -3.39 8.58 -5.74
C5 5CM B 3 -3.55 7.42 -6.60
C5A 5CM B 3 -4.88 6.70 -6.79
C6 5CM B 3 -2.44 7.00 -7.26
O2 5CM B 3 -0.08 9.31 -5.96
N4 5CM B 3 -4.39 9.12 -5.10
C1' 5CM B 3 -0.03 7.28 -7.88
C2' 5CM B 3 0.35 5.79 -7.84
C3' 5CM B 3 1.16 5.64 -9.13
C4' 5CM B 3 0.54 6.72 -10.04
O4' 5CM B 3 -0.27 7.57 -9.25
O3' 5CM B 3 2.55 5.89 -8.96
C5' 5CM B 3 -0.25 6.16 -11.22
O5' 5CM B 3 -1.32 5.31 -10.80
P 5CM B 3 -2.32 4.64 -11.89
OP1 5CM B 3 -1.49 3.97 -12.92
OP2 5CM B 3 -3.34 3.84 -11.16
H5A1 5CM B 3 -5.63 7.40 -7.15
H5A2 5CM B 3 -5.21 6.30 -5.83
H5A3 5CM B 3 -4.79 5.89 -7.50
H6 5CM B 3 -2.50 6.16 -7.94
HN41 5CM B 3 -4.20 9.91 -4.49
HN42 5CM B 3 -5.31 8.73 -5.18
H1' 5CM B 3 0.84 7.85 -7.54
H2' 5CM B 3 -0.53 5.14 -7.91
H2'' 5CM B 3 0.96 5.58 -6.94
H3' 5CM B 3 1.00 4.65 -9.57
H4' 5CM B 3 1.36 7.32 -10.45
H5' 5CM B 3 -0.66 7.00 -11.79
H5'' 5CM B 3 0.42 5.59 -11.86
P 8OG B 4 3.57 4.80 -8.34
OP1 8OG B 4 4.95 5.21 -8.70
OP2 8OG B 4 3.10 3.45 -8.70
O5' 8OG B 4 3.40 4.98 -6.75
C5' 8OG B 4 3.91 6.13 -6.07
C4' 8OG B 4 3.38 6.25 -4.63
O4' 8OG B 4 2.02 6.70 -4.65
C3' 8OG B 4 3.41 4.94 -3.82
O3' 8OG B 4 3.97 5.11 -2.53
C2' 8OG B 4 1.93 4.61 -3.66
C1' 8OG B 4 1.37 6.03 -3.59
N9 8OG B 4 -0.12 6.16 -3.64
C8 8OG B 4 -1.09 5.38 -4.26
N7 8OG B 4 -2.31 5.72 -3.99
C5 8OG B 4 -2.18 6.78 -3.10
C6 8OG B 4 -3.17 7.55 -2.40
O6 8OG B 4 -4.39 7.46 -2.45
N1 8OG B 4 -2.61 8.50 -1.57
C2 8OG B 4 -1.27 8.71 -1.43
N2 8OG B 4 -0.89 9.61 -0.57
N3 8OG B 4 -0.33 8.02 -2.08
C4 8OG B 4 -0.84 7.06 -2.90
O8 8OG B 4 -0.88 4.44 -5.01
H5' 8OG B 4 3.65 7.03 -6.61
H5'' 8OG B 4 5.00 6.05 -6.02
H4' 8OG B 4 3.97 7.00 -4.11
H3' 8OG B 4 3.92 4.14 -4.36
H2' 8OG B 4 1.57 4.08 -4.55
H2'' 8OG B 4 1.73 4.05 -2.74
H1' 8OG B 4 1.69 6.46 -2.65
H7 8OG B 4 -3.15 5.25 -4.33
H1 8OG B 4 -3.24 9.05 -1.01
H21 8OG B 4 -1.56 10.05 0.05
H22 8OG B 4 0.10 9.74 -0.44
N1 DCZ A 1 4.87 -10.21 14.13
C2 DCZ A 1 3.97 -11.10 13.52
N3 DCZ A 1 2.63 -10.97 13.71
C4 DCZ A 1 2.19 -9.96 14.43
C5 DCZ A 1 3.05 -8.99 15.04
C6 DCZ A 1 4.39 -9.16 14.86
O2 DCZ A 1 4.34 -12.03 12.80
N4 DCZ A 1 0.90 -9.92 14.61
C1' DCZ A 1 6.33 -10.44 13.95
C2' DCZ A 1 7.01 -9.36 13.10
C3' DCZ A 1 8.43 -9.24 13.69
C4' DCZ A 1 8.38 -10.17 14.91
O4' DCZ A 1 7.00 -10.39 15.21
O3' DCZ A 1 9.43 -9.69 12.78
C5' DCZ A 1 9.12 -9.63 16.14
O5' DCZ A 1 8.58 -8.40 16.62
H5 DCZ A 1 2.68 -8.17 15.62
H6 DCZ A 1 5.09 -8.47 15.32
HN41 DCZ A 1 0.34 -10.63 14.18
HN42 DCZ A 1 0.51 -9.18 15.16
H1' DCZ A 1 6.51 -11.42 13.50
H2'1 DCZ A 1 6.47 -8.42 13.19
H2'2 DCZ A 1 7.03 -9.67 12.06
H3' DCZ A 1 8.65 -8.22 14.02
H4' DCZ A 1 8.83 -11.13 14.64
H5'1 DCZ A 1 9.08 -10.38 16.94
H5'2 DCZ A 1 10.17 -9.49 15.87
HO5' DCZ A 1 7.65 -8.53 16.87
N1 5CM A 3 2.19 -8.57 5.87
C2 5CM A 3 0.92 -8.67 6.46
N3 5CM A 3 0.62 -7.97 7.59
C4 5CM A 3 1.54 -7.18 8.10
C5 5CM A 3 2.84 -6.98 7.51
C5A 5CM A 3 3.88 -6.03 8.10
C6 5CM A 3 3.13 -7.70 6.39
O2 5CM A 3 0.02 -9.37 5.99
N4 5CM A 3 1.16 -6.60 9.21
C1' 5CM A 3 2.50 -9.44 4.71
C2' 5CM A 3 3.09 -8.74 3.48
C3' 5CM A 3 3.82 -9.89 2.78
C4' 5CM A 3 4.18 -10.83 3.96
O4' 5CM A 3 3.48 -10.39 5.11
O3' 5CM A 3 3.00 -10.60 1.85
C5' 5CM A 3 5.68 -10.90 4.24
O5' 5CM A 3 6.26 -9.62 4.52
P 5CM A 3 7.83 -9.49 4.90
OP1 5CM A 3 8.62 -10.22 3.87
OP2 5CM A 3 8.13 -8.06 5.16
H5A1 5CM A 3 3.48 -5.01 8.09
H5A2 5CM A 3 4.81 -6.06 7.53
H5A3 5CM A 3 4.09 -6.29 9.14
H6 5CM A 3 4.09 -7.62 5.93
HN41 5CM A 3 0.22 -6.75 9.54
HN42 5CM A 3 1.79 -5.97 9.68
H1' 5CM A 3 1.61 -9.98 4.39
H2' 5CM A 3 3.83 -7.98 3.76
H2'' 5CM A 3 2.28 -8.33 2.87
H3' 5CM A 3 4.73 -9.53 2.30
H4' 5CM A 3 3.84 -11.83 3.71
H5' 5CM A 3 5.84 -11.56 5.09
H5'' 5CM A 3 6.18 -11.34 3.37
P 8OG A 4 2.70 -10.04 0.36
OP1 8OG A 4 2.23 -11.19 -0.46
OP2 8OG A 4 3.87 -9.26 -0.11
O5' 8OG A 4 1.46 -9.02 0.58
C5' 8OG A 4 0.15 -9.51 0.87
C4' 8OG A 4 -0.79 -8.39 1.34
O4' 8OG A 4 -0.48 -8.01 2.68
C3' 8OG A 4 -0.74 -7.11 0.46
O3' 8OG A 4 -2.03 -6.65 0.11
C2' 8OG A 4 -0.11 -6.10 1.42
C1' 8OG A 4 -0.68 -6.61 2.75
N9 8OG A 4 -0.12 -6.00 3.98
C8 8OG A 4 1.12 -5.47 4.26
N7 8OG A 4 1.23 -4.90 5.42
C5 8OG A 4 -0.04 -5.02 5.97
C6 8OG A 4 -0.58 -4.53 7.21
O6 8OG A 4 -0.01 -3.91 8.10
N1 8OG A 4 -1.92 -4.84 7.35
C2 8OG A 4 -2.66 -5.52 6.44
N2 8OG A 4 -3.93 -5.69 6.69
N3 8OG A 4 -2.19 -5.98 5.29
C4 8OG A 4 -0.87 -5.70 5.10
O8 8OG A 4 2.10 -5.51 3.52
H5' 8OG A 4 0.20 -10.27 1.65
H5'' 8OG A 4 -0.26 -9.96 -0.04
H4' 8OG A 4 -1.81 -8.77 1.32
H3' 8OG A 4 -0.11 -7.24 -0.42
H2' 8OG A 4 0.97 -6.18 1.39
H2'' 8OG A 4 -0.45 -5.08 1.20
H1' 8OG A 4 -1.75 -6.41 2.75
H7 8OG A 4 2.05 -4.44 5.78
H1 8OG A 4 -2.38 -4.48 8.18
H21 8OG A 4 -4.36 -5.22 7.49
H22 8OG A 4 -4.48 -6.17 6.01
N1 DCZ B 1 -7.99 11.91 -10.53
C2 DCZ B 1 -6.75 12.55 -10.41
N3 DCZ B 1 -6.45 13.31 -9.33
C4 DCZ B 1 -7.36 13.41 -8.38
C5 DCZ B 1 -8.62 12.76 -8.40
C6 DCZ B 1 -8.90 12.01 -9.50
O2 DCZ B 1 -5.87 12.45 -11.28
N4 DCZ B 1 -7.05 14.20 -7.38
C1' DCZ B 1 -8.31 11.13 -11.76
C2' DCZ B 1 -8.51 9.63 -11.49
C3' DCZ B 1 -9.52 9.23 -12.58
C4' DCZ B 1 -10.27 10.53 -12.85
O4' DCZ B 1 -9.51 11.62 -12.33
O3' DCZ B 1 -8.86 8.77 -13.76
C5' DCZ B 1 -11.70 10.54 -12.27
O5' DCZ B 1 -11.74 10.27 -10.87
H5 DCZ B 1 -9.34 12.85 -7.61
H6 DCZ B 1 -9.86 11.50 -9.59
HN41 DCZ B 1 -6.14 14.65 -7.40
HN42 DCZ B 1 -7.68 14.31 -6.61
H1' DCZ B 1 -7.51 11.24 -12.50
H2'1 DCZ B 1 -8.94 9.48 -10.49
H2'2 DCZ B 1 -7.58 9.10 -11.58
H3' DCZ B 1 -10.20 8.46 -12.21
H4' DCZ B 1 -10.36 10.66 -13.93
H5'1 DCZ B 1 -12.14 11.51 -12.46
H5'2 DCZ B 1 -12.29 9.79 -12.80
HO5' DCZ B 1 -12.67 10.28 -10.55
N1 5CM B 3 -1.25 7.64 -6.99
C2 5CM B 3 -1.15 8.72 -6.11
N3 5CM B 3 -2.25 9.17 -5.44
C4 5CM B 3 -3.40 8.53 -5.62
C5 5CM B 3 -3.54 7.38 -6.47
C5A 5CM B 3 -4.87 6.62 -6.63
C6 5CM B 3 -2.44 6.96 -7.14
O2 5CM B 3 -0.10 9.33 -5.90
N4 5CM B 3 -4.40 9.06 -4.96
C1' 5CM B 3 -0.05 7.28 -7.80
C2' 5CM B 3 0.36 5.80 -7.75
C3' 5CM B 3 1.15 5.65 -9.06
C4' 5CM B 3 0.52 6.73 -9.96
O4' 5CM B 3 -0.30 7.57 -9.16
O3' 5CM B 3 2.55 5.92 -8.90
C5' 5CM B 3 -0.28 6.16 -11.14
O5' 5CM B 3 -1.33 5.30 -10.72
P 5CM B 3 -2.35 4.66 -11.79
OP1 5CM B 3 -1.55 3.99 -12.85
OP2 5CM B 3 -3.38 3.87 -11.07
H5A1 5CM B 3 -5.64 7.31 -6.97
H5A2 5CM B 3 -5.17 6.22 -5.66
H5A3 5CM B 3 -4.77 5.80 -7.34
H6 5CM B 3 -2.50 6.12 -7.82
HN41 5CM B 3 -4.21 9.86 -4.36
HN42 5CM B 3 -5.30 8.64 -5.03
H1' 5CM B 3 0.82 7.86 -7.48
H2' 5CM B 3 -0.52 5.14 -7.81
H2'' 5CM B 3 0.99 5.60 -6.87
H3' 5CM B 3 1.00 4.67 -9.49
H4' 5CM B 3 1.33 7.35 -10.38
H5' 5CM B 3 -0.69 6.99 -11.71
H5'' 5CM B 3 0.40 5.60 -11.78
P 8OG B 4 3.58 4.84 -8.29
OP1 8OG B 4 4.95 5.25 -8.69
OP2 8OG B 4 3.12 3.48 -8.65
O5' 8OG B 4 3.43 5.02 -6.70
C5' 8OG B 4 3.95 6.17 -6.03
C4' 8OG B 4 3.44 6.29 -4.59
O4' 8OG B 4 2.08 6.74 -4.58
C3' 8OG B 4 3.50 4.98 -3.79
O3' 8OG B 4 4.09 5.18 -2.50
C2' 8OG B 4 2.03 4.65 -3.59
C1' 8OG B 4 1.44 6.05 -3.52
N9 8OG B 4 -0.04 6.16 -3.56
C8 8OG B 4 -1.00 5.38 -4.15
N7 8OG B 4 -2.22 5.69 -3.88
C5 8OG B 4 -2.09 6.76 -2.99
C6 8OG B 4 -3.08 7.53 -2.29
O6 8OG B 4 -4.31 7.42 -2.32
N1 8OG B 4 -2.54 8.50 -1.48
C2 8OG B 4 -1.20 8.73 -1.37
N2 8OG B 4 -0.82 9.64 -0.52
N3 8OG B 4 -0.25 8.05 -2.01
C4 8OG B 4 -0.76 7.07 -2.81
O8 8OG B 4 -0.79 4.42 -4.90
H5' 8OG B 4 3.67 7.07 -6.58
H5'' 8OG B 4 5.04 6.10 -6.01
H4' 8OG B 4 4.04 7.05 -4.09
H3' 8OG B 4 4.01 4.19 -4.33
H2' 8OG B 4 1.67 4.11 -4.48
H2'' 8OG B 4 1.86 4.08 -2.68
H1' 8OG B 4 1.78 6.49 -2.58
H7 8OG B 4 -3.05 5.21 -4.20
H1 8OG B 4 -3.18 9.04 -0.92
H21 8OG B 4 -1.50 10.08 0.10
H22 8OG B 4 0.16 9.79 -0.40
N1 DCZ A 1 5.23 -9.79 14.20
C2 DCZ A 1 4.34 -10.71 13.64
N3 DCZ A 1 3.01 -10.60 13.83
C4 DCZ A 1 2.56 -9.58 14.53
C5 DCZ A 1 3.40 -8.58 15.08
C6 DCZ A 1 4.74 -8.71 14.90
O2 DCZ A 1 4.71 -11.66 12.95
N4 DCZ A 1 1.28 -9.54 14.73
C1' DCZ A 1 6.70 -10.00 14.01
C2' DCZ A 1 7.34 -8.95 13.10
C3' DCZ A 1 8.78 -8.81 13.62
C4' DCZ A 1 8.75 -9.64 14.93
O4' DCZ A 1 7.39 -9.87 15.24
O3' DCZ A 1 9.73 -9.34 12.72
C5' DCZ A 1 9.49 -8.97 16.10
O5' DCZ A 1 8.93 -7.72 16.47
H5 DCZ A 1 3.02 -7.74 15.64
H6 DCZ A 1 5.44 -7.99 15.31
HN41 DCZ A 1 0.71 -10.29 14.33
HN42 DCZ A 1 0.87 -8.79 15.25
H1' DCZ A 1 6.89 -10.99 13.61
H2'1 DCZ A 1 6.79 -8.00 13.17
H2'2 DCZ A 1 7.32 -9.30 12.07
H3' DCZ A 1 9.02 -7.77 13.86
H4' DCZ A 1 9.23 -10.60 14.72
H5'1 DCZ A 1 9.46 -9.66 16.95
H5'2 DCZ A 1 10.53 -8.83 15.82
HO5' DCZ A 1 8.00 -7.86 16.75
N1 5CM A 3 2.21 -8.50 5.96
C2 5CM A 3 0.96 -8.60 6.56
N3 5CM A 3 0.65 -7.89 7.67
C4 5CM A 3 1.57 -7.08 8.17
C5 5CM A 3 2.87 -6.88 7.56
C5A 5CM A 3 3.89 -5.89 8.11
C6 5CM A 3 3.14 -7.61 6.46
O2 5CM A 3 0.06 -9.33 6.11
N4 5CM A 3 1.20 -6.48 9.26
C1' 5CM A 3 2.54 -9.39 4.81
C2' 5CM A 3 3.09 -8.70 3.56
C3' 5CM A 3 3.83 -9.84 2.88
C4' 5CM A 3 4.23 -10.75 4.06
O4' 5CM A 3 3.53 -10.31 5.21
O3' 5CM A 3 3.03 -10.58 1.96
C5' 5CM A 3 5.74 -10.78 4.33
O5' 5CM A 3 6.29 -9.49 4.57
P 5CM A 3 7.85 -9.32 4.92
OP1 5CM A 3 8.65 -10.04 3.89
OP2 5CM A 3 8.12 -7.88 5.15
H5A1 5CM A 3 4.82 -5.92 7.54
H5A2 5CM A 3 4.11 -6.13 9.15
H5A3 5CM A 3 3.48 -4.88 8.07
H6 5CM A 3 4.11 -7.53 5.98
HN41 5CM A 3 0.25 -6.64 9.60
HN42 5CM A 3 1.82 -5.82 9.72
H1' 5CM A 3 1.64 -9.95 4.50
H2' 5CM A 3 3.82 -7.93 3.82
H2'' 5CM A 3 2.26 -8.32 2.95
H3' 5CM A 3 4.73 -9.47 2.38
H4' 5CM A 3 3.91 -11.77 3.83
H5' 5CM A 3 5.91 -11.43 5.19
H5'' 5CM A 3 6.23 -11.23 3.47
P 8OG A 4 2.71 -10.06 0.46
OP1 8OG A 4 2.25 -11.23 -0.34
OP2 8OG A 4 3.88 -9.28 -0.03
O5' 8OG A 4 1.48 -9.05 0.66
C5' 8OG A 4 0.16 -9.53 0.95
C4' 8OG A 4 -0.78 -8.41 1.40
O4' 8OG A 4 -0.48 -8.02 2.74
C3' 8OG A 4 -0.74 -7.15 0.52
O3' 8OG A 4 -2.03 -6.71 0.15
C2' 8OG A 4 -0.13 -6.12 1.46
C1' 8OG A 4 -0.69 -6.61 2.80
N9 8OG A 4 -0.13 -5.99 4.02
C8 8OG A 4 1.10 -5.44 4.30
N7 8OG A 4 1.20 -4.86 5.45
C5 8OG A 4 -0.07 -4.98 6.00
C6 8OG A 4 -0.62 -4.51 7.23
O6 8OG A 4 -0.06 -3.85 8.11
N1 8OG A 4 -1.94 -4.82 7.40
C2 8OG A 4 -2.67 -5.53 6.49
N2 8OG A 4 -3.94 -5.72 6.75
N3 8OG A 4 -2.20 -6.00 5.34
C4 8OG A 4 -0.89 -5.69 5.14
O8 8OG A 4 2.08 -5.47 3.55
H5' 8OG A 4 0.22 -10.28 1.74
H5'' 8OG A 4 -0.25 -10.00 0.06
H4' 8OG A 4 -1.80 -8.81 1.39
H3' 8OG A 4 -0.11 -7.29 -0.36
H2' 8OG A 4 0.96 -6.20 1.43
H2'' 8OG A 4 -0.47 -5.10 1.23
H1' 8OG A 4 -1.76 -6.42 2.78
H7 8OG A 4 2.02 -4.38 5.80
H1 8OG A 4 -2.41 -4.47 8.22
H21 8OG A 4 -4.37 -5.24 7.54
H22 8OG A 4 -4.49 -6.21 6.06
N1 DCZ B 1 -7.80 12.54 -10.54
C2 DCZ B 1 -6.53 13.10 -10.36
N3 DCZ B 1 -6.23 13.81 -9.24
C4 DCZ B 1 -7.14 13.90 -8.30
C5 DCZ B 1 -8.44 13.31 -8.40
C6 DCZ B 1 -8.73 12.62 -9.53
O2 DCZ B 1 -5.65 13.00 -11.21
N4 DCZ B 1 -6.82 14.62 -7.27
C1' DCZ B 1 -8.13 11.84 -11.82
C2' DCZ B 1 -8.44 10.36 -11.64
C3' DCZ B 1 -9.44 10.07 -12.77
C4' DCZ B 1 -10.10 11.44 -13.00
O4' DCZ B 1 -9.29 12.44 -12.39
O3' DCZ B 1 -8.79 9.63 -13.96
C5' DCZ B 1 -11.53 11.51 -12.43
O5' DCZ B 1 -11.63 11.16 -11.05
H5 DCZ B 1 -9.17 13.39 -7.61
H6 DCZ B 1 -9.70 12.18 -9.67
HN41 DCZ B 1 -5.90 15.03 -7.25
HN42 DCZ B 1 -7.47 14.73 -6.51
H1' DCZ B 1 -7.30 11.93 -12.53
H2'1 DCZ B 1 -8.90 10.16 -10.67
H2'2 DCZ B 1 -7.54 9.75 -11.75
H3' DCZ B 1 -10.18 9.33 -12.45
H4' DCZ B 1 -10.15 11.63 -14.06
H5'1 DCZ B 1 -11.91 12.52 -12.58
H5'2 DCZ B 1 -12.16 10.83 -13.01
HO5' DCZ B 1 -12.57 11.23 -10.76
N1 5CM B 3 -1.39 7.81 -7.15
C2 5CM B 3 -1.26 8.84 -6.22
N3 5CM B 3 -2.34 9.29 -5.52
C4 5CM B 3 -3.50 8.71 -5.74
C5 5CM B 3 -3.69 7.61 -6.65
C5A 5CM B 3 -5.05 6.93 -6.84
C6 5CM B 3 -2.61 7.19 -7.34
O2 5CM B 3 -0.18 9.38 -5.97
N4 5CM B 3 -4.48 9.25 -5.05
C1' 5CM B 3 -0.20 7.43 -7.97
C2' 5CM B 3 0.15 5.94 -7.98
C3' 5CM B 3 0.94 5.80 -9.28
C4' 5CM B 3 0.36 6.94 -10.15
O4' 5CM B 3 -0.44 7.78 -9.32
O3' 5CM B 3 2.34 6.00 -9.12
C5' 5CM B 3 -0.46 6.44 -11.34
O5' 5CM B 3 -1.56 5.62 -10.96
P 5CM B 3 -2.58 5.04 -12.06
OP1 5CM B 3 -1.79 4.37 -13.12
OP2 5CM B 3 -3.65 4.28 -11.37
H5A1 5CM B 3 -5.80 7.65 -7.15
H5A2 5CM B 3 -5.37 6.48 -5.90
H5A3 5CM B 3 -4.98 6.14 -7.60
H6 5CM B 3 -2.70 6.38 -8.06
HN41 5CM B 3 -4.26 10.00 -4.41
HN42 5CM B 3 -5.41 8.88 -5.14
H1' 5CM B 3 0.69 7.97 -7.63
H2' 5CM B 3 -0.75 5.31 -8.06
H2'' 5CM B 3 0.75 5.69 -7.10
H3' 5CM B 3 0.73 4.84 -9.75
H4' 5CM B 3 1.19 7.53 -10.54
H5' 5CM B 3 -0.83 7.32 -11.88
H5'' 5CM B 3 0.20 5.88 -12.01
P 8OG B 4 3.32 4.86 -8.54
OP1 8OG B 4 4.71 5.22 -8.93
OP2 8OG B 4 2.80 3.53 -8.95
O5' 8OG B 4 3.18 4.98 -6.94
C5' 8OG B 4 3.75 6.08 -6.24
C4' 8OG B 4 3.23 6.18 -4.79
O4' 8OG B 4 1.90 6.66 -4.77
C3' 8OG B 4 3.26 4.84 -4.03
O3' 8OG B 4 3.84 4.96 -2.74
C2' 8OG B 4 1.76 4.55 -3.85
C1' 8OG B 4 1.23 5.98 -3.73
N9 8OG B 4 -0.24 6.14 -3.76
C8 8OG B 4 -1.23 5.40 -4.39
N7 8OG B 4 -2.45 5.76 -4.09
C5 8OG B 4 -2.27 6.79 -3.17
C6 8OG B 4 -3.24 7.56 -2.43
O6 8OG B 4 -4.46 7.49 -2.46
N1 8OG B 4 -2.65 8.48 -1.59
C2 8OG B 4 -1.30 8.66 -1.47
N2 8OG B 4 -0.89 9.54 -0.60
N3 8OG B 4 -0.39 7.98 -2.14
C4 8OG B 4 -0.93 7.04 -2.98
O8 8OG B 4 -1.06 4.49 -5.18
H5' 8OG B 4 3.51 7.01 -6.76
H5'' 8OG B 4 4.83 5.97 -6.22
H4' 8OG B 4 3.87 6.89 -4.26
H3' 8OG B 4 3.73 4.04 -4.60
H2' 8OG B 4 1.39 4.06 -4.75
H2'' 8OG B 4 1.57 3.97 -2.94
H1' 8OG B 4 1.59 6.37 -2.77
H7 8OG B 4 -3.28 5.33 -4.43
H1 8OG B 4 -3.26 9.02 -1.00
H21 8OG B 4 -1.55 9.97 0.05
H22 8OG B 4 0.10 9.65 -0.47
#